data_3L2J
#
_entry.id   3L2J
#
_cell.length_a   136.702
_cell.length_b   182.326
_cell.length_c   97.166
_cell.angle_alpha   90.000
_cell.angle_beta   90.000
_cell.angle_gamma   90.000
#
_symmetry.space_group_name_H-M   'C 2 2 21'
#
loop_
_entity.id
_entity.type
_entity.pdbx_description
1 polymer 'Fusion protein of Maltose-binding periplasmic protein and Parathyroid hormone/parathyroid hormone-related peptide receptor'
2 branched alpha-D-glucopyranose-(1-4)-alpha-D-glucopyranose
#
_entity_poly.entity_id   1
_entity_poly.type   'polypeptide(L)'
_entity_poly.pdbx_seq_one_letter_code
;EEGKLVIWINGDKGYNGLAEVGKKFEKDTGIKVTVEHPDKLEEKFPQVAATGDGPDIIFWAHDRFGGYAQSGLLAEITPD
KAFQDKLYPFTWDAVRYNGKLIAYPIAVEALSLIYNKDLLPNPPKTWEEIPALDKELKAKGKSALMFNLQEPYFTWPLIA
ADGGYAFKYENGKYDIKDVGVDNAGAKAGLTFLVDLIKNKHMNADTDYSIAEAAFNKGETAMTINGPWAWSNIDTSKVNY
GVTVLPTFKGQPSKPFVGVLSAGINAASPNKELAKEFLENYLLTDEGLEAVNKDKPLGAVALKSYEEELAKDPRIAATME
NAQKGEIMPNIPQMSAFWYAVRTAVINAASGRQTVDEALKDAQTNAAAEFDDVMTKEEQIFLLHRAQAQCEKRLKEVLQR
PASIMESDKGWTSASTSGKPRKDKASGKLYPESEEDKEAPTGSRYRGRPCLPEWDHILCWPLGAPGEVVAVPCPDYIYDF
NHKGHAYRRCDRNGSWELVPGHNRTWANYSECVKFLTNETREREVFDRLHHHHHH
;
_entity_poly.pdbx_strand_id   A,B
#
# COMPACT_ATOMS: atom_id res chain seq x y z
N GLU A 1 13.33 0.54 19.00
CA GLU A 1 14.00 1.70 19.66
C GLU A 1 14.95 2.47 18.74
N GLU A 2 14.58 3.71 18.47
CA GLU A 2 15.33 4.64 17.62
C GLU A 2 16.80 4.81 18.03
N GLY A 3 17.65 5.07 17.04
CA GLY A 3 19.05 5.40 17.29
C GLY A 3 19.98 4.26 17.67
N LYS A 4 19.47 3.03 17.66
CA LYS A 4 20.34 1.85 17.86
C LYS A 4 19.89 0.68 16.99
N LEU A 5 20.79 -0.27 16.77
CA LEU A 5 20.48 -1.45 15.95
C LEU A 5 20.47 -2.78 16.73
N VAL A 6 19.37 -3.52 16.55
CA VAL A 6 19.28 -4.91 16.98
C VAL A 6 19.40 -5.80 15.74
N ILE A 7 20.23 -6.83 15.85
CA ILE A 7 20.51 -7.72 14.73
C ILE A 7 20.37 -9.19 15.12
N TRP A 8 19.45 -9.87 14.45
CA TRP A 8 19.24 -11.30 14.64
C TRP A 8 20.02 -12.08 13.60
N ILE A 9 20.72 -13.12 14.04
CA ILE A 9 21.51 -13.98 13.16
C ILE A 9 21.60 -15.36 13.76
N ASN A 10 21.70 -16.38 12.91
CA ASN A 10 21.67 -17.78 13.37
C ASN A 10 22.84 -18.14 14.31
N GLY A 11 22.56 -19.06 15.24
CA GLY A 11 23.52 -19.44 16.28
C GLY A 11 24.68 -20.33 15.87
N ASP A 12 24.64 -20.85 14.65
CA ASP A 12 25.74 -21.67 14.11
C ASP A 12 26.62 -20.83 13.17
N LYS A 13 26.24 -19.57 12.96
CA LYS A 13 27.02 -18.62 12.16
C LYS A 13 27.96 -17.75 13.03
N GLY A 14 28.71 -16.85 12.39
CA GLY A 14 29.74 -16.09 13.08
C GLY A 14 29.27 -14.81 13.75
N TYR A 15 28.45 -14.96 14.79
CA TYR A 15 27.84 -13.81 15.45
C TYR A 15 28.81 -12.96 16.28
N ASN A 16 29.86 -13.59 16.80
CA ASN A 16 30.88 -12.84 17.53
C ASN A 16 31.67 -11.92 16.62
N GLY A 17 31.94 -12.39 15.41
CA GLY A 17 32.57 -11.58 14.37
C GLY A 17 31.68 -10.45 13.90
N LEU A 18 30.37 -10.71 13.78
CA LEU A 18 29.41 -9.68 13.40
C LEU A 18 29.28 -8.61 14.48
N ALA A 19 29.44 -9.03 15.73
CA ALA A 19 29.49 -8.13 16.88
C ALA A 19 30.69 -7.18 16.78
N GLU A 20 31.84 -7.72 16.36
CA GLU A 20 33.06 -6.93 16.14
C GLU A 20 32.90 -5.85 15.08
N VAL A 21 32.15 -6.15 14.02
CA VAL A 21 31.83 -5.15 13.00
C VAL A 21 30.90 -4.10 13.62
N GLY A 22 29.96 -4.57 14.45
CA GLY A 22 29.02 -3.69 15.15
C GLY A 22 29.68 -2.77 16.18
N LYS A 23 30.78 -3.25 16.75
CA LYS A 23 31.63 -2.46 17.63
C LYS A 23 32.24 -1.28 16.86
N LYS A 24 32.89 -1.61 15.73
CA LYS A 24 33.44 -0.64 14.80
C LYS A 24 32.40 0.42 14.38
N PHE A 25 31.17 -0.02 14.13
CA PHE A 25 30.10 0.90 13.75
C PHE A 25 29.73 1.86 14.88
N GLU A 26 29.82 1.37 16.12
CA GLU A 26 29.52 2.16 17.31
C GLU A 26 30.60 3.21 17.60
N LYS A 27 31.84 2.87 17.29
CA LYS A 27 32.96 3.78 17.46
C LYS A 27 32.99 4.89 16.40
N ASP A 28 32.32 4.66 15.28
CA ASP A 28 32.41 5.55 14.13
C ASP A 28 31.19 6.45 13.94
N THR A 29 30.06 6.04 14.51
CA THR A 29 28.82 6.79 14.35
C THR A 29 28.14 7.03 15.69
N GLY A 30 28.73 6.49 16.76
CA GLY A 30 28.19 6.58 18.12
C GLY A 30 26.83 5.91 18.27
N ILE A 31 26.69 4.74 17.64
CA ILE A 31 25.41 4.03 17.61
C ILE A 31 25.57 2.59 18.12
N LYS A 32 24.77 2.21 19.12
CA LYS A 32 24.91 0.88 19.72
C LYS A 32 24.36 -0.26 18.84
N VAL A 33 25.19 -1.27 18.62
CA VAL A 33 24.80 -2.43 17.81
C VAL A 33 24.73 -3.71 18.65
N THR A 34 23.54 -4.28 18.70
CA THR A 34 23.30 -5.50 19.44
C THR A 34 23.09 -6.67 18.50
N VAL A 35 23.96 -7.66 18.61
CA VAL A 35 23.88 -8.89 17.84
C VAL A 35 23.34 -10.01 18.73
N GLU A 36 22.20 -10.57 18.33
CA GLU A 36 21.52 -11.62 19.11
C GLU A 36 21.28 -12.88 18.28
N HIS A 37 21.35 -14.04 18.93
CA HIS A 37 21.16 -15.31 18.22
C HIS A 37 20.12 -16.21 18.88
N PRO A 38 18.83 -15.90 18.65
CA PRO A 38 17.71 -16.64 19.24
C PRO A 38 17.50 -18.02 18.60
N ASP A 39 17.05 -18.97 19.41
CA ASP A 39 16.59 -20.28 18.91
C ASP A 39 15.45 -20.05 17.94
N LYS A 40 15.47 -20.79 16.84
CA LYS A 40 14.38 -20.79 15.85
C LYS A 40 13.98 -19.38 15.38
N LEU A 41 14.97 -18.53 15.11
CA LEU A 41 14.67 -17.13 14.76
C LEU A 41 13.87 -16.99 13.47
N GLU A 42 13.96 -18.01 12.62
CA GLU A 42 13.26 -18.00 11.32
C GLU A 42 11.75 -18.14 11.43
N GLU A 43 11.27 -18.64 12.57
CA GLU A 43 9.83 -18.69 12.84
C GLU A 43 9.44 -17.74 13.96
N LYS A 44 10.45 -17.29 14.70
CA LYS A 44 10.27 -16.24 15.69
C LYS A 44 9.93 -14.92 14.98
N PHE A 45 10.66 -14.66 13.88
CA PHE A 45 10.59 -13.37 13.18
C PHE A 45 9.21 -12.84 12.80
N PRO A 46 8.44 -13.59 11.97
CA PRO A 46 7.17 -13.02 11.49
C PRO A 46 6.22 -12.50 12.58
N GLN A 47 6.17 -13.19 13.70
CA GLN A 47 5.29 -12.79 14.80
C GLN A 47 5.81 -11.55 15.53
N VAL A 48 7.09 -11.57 15.93
CA VAL A 48 7.64 -10.49 16.77
C VAL A 48 8.13 -9.24 16.02
N ALA A 49 8.45 -9.41 14.73
CA ALA A 49 9.06 -8.36 13.92
C ALA A 49 8.33 -7.04 14.01
N ALA A 50 7.00 -7.10 13.97
CA ALA A 50 6.19 -5.89 13.97
C ALA A 50 5.85 -5.41 15.37
N THR A 51 6.64 -5.76 16.38
CA THR A 51 6.26 -5.43 17.76
C THR A 51 7.33 -4.65 18.50
N GLY A 52 8.38 -4.27 17.78
CA GLY A 52 9.52 -3.61 18.43
C GLY A 52 10.18 -4.49 19.48
N ASP A 53 9.97 -5.80 19.34
CA ASP A 53 10.81 -6.80 19.99
C ASP A 53 11.61 -7.50 18.90
N GLY A 54 11.14 -7.35 17.67
CA GLY A 54 11.85 -7.81 16.49
C GLY A 54 13.09 -6.99 16.27
N PRO A 55 14.01 -7.48 15.42
CA PRO A 55 15.27 -6.81 15.18
C PRO A 55 15.13 -5.72 14.10
N ASP A 56 16.21 -4.99 13.86
CA ASP A 56 16.28 -4.06 12.75
C ASP A 56 16.70 -4.79 11.49
N ILE A 57 17.60 -5.75 11.65
CA ILE A 57 18.17 -6.49 10.53
C ILE A 57 18.11 -7.97 10.84
N ILE A 58 17.53 -8.76 9.94
CA ILE A 58 17.54 -10.21 10.10
C ILE A 58 18.41 -10.94 9.06
N PHE A 59 19.21 -11.88 9.55
CA PHE A 59 20.03 -12.74 8.71
C PHE A 59 19.43 -14.14 8.65
N TRP A 60 19.17 -14.59 7.44
CA TRP A 60 18.80 -15.98 7.17
C TRP A 60 19.07 -16.27 5.70
N ALA A 61 18.92 -17.52 5.29
CA ALA A 61 19.00 -17.91 3.89
C ALA A 61 17.80 -17.36 3.14
N HIS A 62 17.98 -17.12 1.85
CA HIS A 62 17.00 -16.40 1.04
C HIS A 62 15.60 -17.03 0.93
N ASP A 63 15.45 -18.29 1.30
CA ASP A 63 14.17 -18.97 1.10
C ASP A 63 12.99 -18.46 1.96
N ARG A 64 13.28 -18.08 3.19
CA ARG A 64 12.23 -17.64 4.12
C ARG A 64 11.73 -16.25 3.82
N PHE A 65 12.47 -15.55 2.96
CA PHE A 65 12.25 -14.14 2.69
C PHE A 65 11.09 -13.87 1.75
N GLY A 66 10.70 -14.86 0.96
CA GLY A 66 9.50 -14.72 0.13
C GLY A 66 8.29 -14.55 1.03
N GLY A 67 8.15 -15.48 1.96
CA GLY A 67 7.12 -15.39 2.99
C GLY A 67 7.16 -14.11 3.79
N TYR A 68 8.35 -13.68 4.21
CA TYR A 68 8.46 -12.45 5.00
C TYR A 68 7.98 -11.26 4.22
N ALA A 69 8.38 -11.19 2.95
CA ALA A 69 8.12 -10.03 2.12
C ALA A 69 6.63 -9.93 1.88
N GLN A 70 6.03 -11.07 1.56
CA GLN A 70 4.62 -11.20 1.31
C GLN A 70 3.81 -10.97 2.58
N SER A 71 4.49 -10.95 3.73
CA SER A 71 3.85 -10.61 4.99
C SER A 71 3.99 -9.13 5.25
N GLY A 72 4.68 -8.45 4.34
CA GLY A 72 4.99 -7.03 4.47
C GLY A 72 5.84 -6.75 5.70
N LEU A 73 6.84 -7.59 5.94
CA LEU A 73 7.71 -7.46 7.10
C LEU A 73 9.07 -6.89 6.75
N LEU A 74 9.43 -6.95 5.48
CA LEU A 74 10.71 -6.42 5.04
C LEU A 74 10.53 -5.10 4.30
N ALA A 75 11.42 -4.16 4.59
CA ALA A 75 11.54 -2.95 3.80
C ALA A 75 12.27 -3.34 2.53
N GLU A 76 11.95 -2.69 1.42
CA GLU A 76 12.72 -2.92 0.19
C GLU A 76 14.02 -2.15 0.22
N ILE A 77 15.09 -2.83 -0.17
CA ILE A 77 16.41 -2.24 -0.13
C ILE A 77 16.72 -1.47 -1.43
N THR A 78 17.34 -0.30 -1.31
CA THR A 78 17.57 0.59 -2.46
C THR A 78 19.06 0.98 -2.65
N PRO A 79 19.90 0.00 -3.02
CA PRO A 79 21.30 0.33 -3.22
C PRO A 79 21.55 0.94 -4.60
N ASP A 80 22.45 1.92 -4.66
CA ASP A 80 22.82 2.58 -5.91
C ASP A 80 23.68 1.69 -6.81
N LYS A 81 23.74 2.03 -8.10
CA LYS A 81 24.48 1.23 -9.07
C LYS A 81 25.89 0.94 -8.56
N ALA A 82 26.56 1.99 -8.10
CA ALA A 82 27.92 1.89 -7.56
C ALA A 82 28.09 0.76 -6.54
N PHE A 83 27.11 0.55 -5.66
CA PHE A 83 27.21 -0.53 -4.68
C PHE A 83 26.86 -1.89 -5.28
N GLN A 84 25.86 -1.90 -6.16
CA GLN A 84 25.40 -3.12 -6.80
C GLN A 84 26.51 -3.82 -7.58
N ASP A 85 27.46 -3.03 -8.09
CA ASP A 85 28.52 -3.59 -8.89
C ASP A 85 29.59 -4.28 -8.05
N LYS A 86 29.43 -4.22 -6.74
CA LYS A 86 30.39 -4.80 -5.81
C LYS A 86 30.08 -6.26 -5.50
N LEU A 87 28.85 -6.67 -5.80
CA LEU A 87 28.38 -8.03 -5.54
C LEU A 87 28.01 -8.75 -6.84
N TYR A 88 28.34 -10.04 -6.90
CA TYR A 88 27.98 -10.89 -8.04
C TYR A 88 26.50 -10.79 -8.36
N PRO A 89 26.14 -10.73 -9.66
CA PRO A 89 24.75 -10.50 -10.02
C PRO A 89 23.84 -11.67 -9.69
N PHE A 90 24.39 -12.87 -9.55
CA PHE A 90 23.54 -14.03 -9.26
C PHE A 90 23.11 -14.10 -7.80
N THR A 91 23.92 -13.51 -6.93
CA THR A 91 23.54 -13.37 -5.53
C THR A 91 22.40 -12.35 -5.45
N TRP A 92 22.51 -11.25 -6.20
CA TRP A 92 21.39 -10.31 -6.33
C TRP A 92 20.12 -11.01 -6.79
N ASP A 93 20.25 -11.87 -7.81
CA ASP A 93 19.12 -12.66 -8.31
C ASP A 93 18.37 -13.34 -7.17
N ALA A 94 19.11 -13.88 -6.22
CA ALA A 94 18.54 -14.71 -5.15
C ALA A 94 17.74 -13.92 -4.13
N VAL A 95 18.10 -12.66 -3.94
CA VAL A 95 17.39 -11.81 -2.97
C VAL A 95 16.33 -10.94 -3.67
N ARG A 96 15.95 -11.38 -4.86
CA ARG A 96 14.97 -10.70 -5.67
C ARG A 96 13.67 -11.51 -5.62
N TYR A 97 12.58 -10.85 -5.24
CA TYR A 97 11.27 -11.48 -5.13
C TYR A 97 10.20 -10.56 -5.69
N ASN A 98 9.32 -11.09 -6.54
CA ASN A 98 8.28 -10.28 -7.18
C ASN A 98 8.78 -8.97 -7.81
N GLY A 99 10.00 -9.00 -8.33
CA GLY A 99 10.61 -7.81 -8.91
C GLY A 99 11.09 -6.73 -7.93
N LYS A 100 11.06 -7.01 -6.63
CA LYS A 100 11.66 -6.12 -5.64
C LYS A 100 12.94 -6.75 -5.15
N LEU A 101 13.87 -5.93 -4.67
CA LEU A 101 14.97 -6.43 -3.87
C LEU A 101 14.55 -6.38 -2.41
N ILE A 102 14.65 -7.51 -1.73
CA ILE A 102 14.16 -7.60 -0.36
C ILE A 102 15.27 -7.77 0.69
N ALA A 103 16.46 -8.13 0.25
CA ALA A 103 17.59 -8.27 1.15
C ALA A 103 18.91 -7.93 0.51
N TYR A 104 19.98 -8.00 1.31
CA TYR A 104 21.35 -7.94 0.81
C TYR A 104 21.93 -9.35 0.79
N PRO A 105 22.48 -9.78 -0.35
CA PRO A 105 23.12 -11.09 -0.34
C PRO A 105 24.46 -11.04 0.37
N ILE A 106 24.72 -12.02 1.24
CA ILE A 106 25.92 -12.02 2.06
C ILE A 106 26.91 -13.04 1.54
N ALA A 107 26.54 -14.31 1.60
CA ALA A 107 27.40 -15.39 1.16
C ALA A 107 26.56 -16.52 0.60
N VAL A 108 27.19 -17.44 -0.13
CA VAL A 108 26.51 -18.57 -0.74
C VAL A 108 26.89 -19.88 -0.03
N GLU A 109 25.90 -20.54 0.55
CA GLU A 109 26.10 -21.78 1.31
C GLU A 109 25.72 -23.02 0.51
N ALA A 110 26.45 -24.10 0.75
CA ALA A 110 26.15 -25.41 0.18
C ALA A 110 26.75 -26.48 1.07
N LEU A 111 25.97 -27.52 1.36
CA LEU A 111 26.47 -28.69 2.10
C LEU A 111 27.53 -29.39 1.29
N SER A 112 28.55 -29.88 2.00
CA SER A 112 29.62 -30.64 1.38
C SER A 112 29.88 -31.87 2.22
N LEU A 113 30.74 -32.75 1.72
CA LEU A 113 31.18 -33.92 2.47
C LEU A 113 32.50 -33.62 3.18
N ILE A 114 32.47 -33.67 4.51
CA ILE A 114 33.67 -33.52 5.31
C ILE A 114 34.11 -34.89 5.83
N TYR A 115 35.35 -35.26 5.52
CA TYR A 115 35.89 -36.55 5.94
C TYR A 115 37.17 -36.41 6.78
N ASN A 116 37.29 -37.31 7.76
CA ASN A 116 38.54 -37.44 8.50
C ASN A 116 39.59 -38.12 7.63
N LYS A 117 40.57 -37.34 7.18
CA LYS A 117 41.62 -37.83 6.29
C LYS A 117 42.39 -38.99 6.90
N ASP A 118 42.57 -38.93 8.22
CA ASP A 118 43.34 -39.94 8.92
C ASP A 118 42.57 -41.25 9.11
N LEU A 119 41.27 -41.16 9.35
CA LEU A 119 40.42 -42.35 9.47
C LEU A 119 40.03 -42.90 8.09
N LEU A 120 40.18 -42.07 7.06
CA LEU A 120 39.74 -42.37 5.70
C LEU A 120 40.46 -41.48 4.69
N PRO A 121 41.60 -41.94 4.16
CA PRO A 121 42.37 -41.17 3.16
C PRO A 121 41.65 -40.92 1.85
N ASN A 122 40.70 -41.78 1.49
CA ASN A 122 39.91 -41.61 0.26
C ASN A 122 38.39 -41.64 0.49
N PRO A 123 37.72 -40.46 0.41
CA PRO A 123 36.28 -40.37 0.57
C PRO A 123 35.55 -41.14 -0.53
N PRO A 124 34.45 -41.85 -0.17
CA PRO A 124 33.73 -42.70 -1.11
C PRO A 124 32.97 -41.89 -2.17
N LYS A 125 33.14 -42.28 -3.43
CA LYS A 125 32.53 -41.58 -4.56
C LYS A 125 31.02 -41.79 -4.62
N THR A 126 30.55 -42.89 -4.03
CA THR A 126 29.11 -43.23 -4.02
C THR A 126 28.52 -43.44 -2.63
N TRP A 127 27.21 -43.22 -2.52
CA TRP A 127 26.40 -43.50 -1.33
C TRP A 127 26.26 -45.00 -1.08
N GLU A 128 26.23 -45.77 -2.17
CA GLU A 128 26.05 -47.23 -2.15
C GLU A 128 27.14 -47.98 -1.39
N GLU A 129 28.36 -47.46 -1.45
CA GLU A 129 29.50 -48.12 -0.83
C GLU A 129 29.72 -47.73 0.64
N ILE A 130 28.89 -46.85 1.18
CA ILE A 130 29.04 -46.42 2.57
C ILE A 130 28.74 -47.54 3.59
N PRO A 131 27.64 -48.31 3.38
CA PRO A 131 27.33 -49.46 4.24
C PRO A 131 28.51 -50.41 4.46
N ALA A 132 29.23 -50.76 3.40
CA ALA A 132 30.42 -51.61 3.48
C ALA A 132 31.54 -50.96 4.30
N LEU A 133 31.73 -49.66 4.10
CA LEU A 133 32.77 -48.89 4.78
C LEU A 133 32.48 -48.71 6.27
N ASP A 134 31.20 -48.55 6.61
CA ASP A 134 30.76 -48.41 8.01
C ASP A 134 30.93 -49.71 8.78
N LYS A 135 30.51 -50.80 8.16
CA LYS A 135 30.63 -52.14 8.73
C LYS A 135 32.11 -52.45 9.04
N GLU A 136 33.00 -51.81 8.28
CA GLU A 136 34.45 -51.94 8.46
C GLU A 136 34.95 -51.10 9.64
N LEU A 137 34.46 -49.87 9.73
CA LEU A 137 34.86 -48.95 10.80
C LEU A 137 34.27 -49.31 12.16
N LYS A 138 33.08 -49.90 12.16
CA LYS A 138 32.44 -50.37 13.39
C LYS A 138 33.34 -51.35 14.13
N ALA A 139 34.02 -52.19 13.36
CA ALA A 139 35.01 -53.15 13.89
C ALA A 139 36.19 -52.44 14.55
N LYS A 140 36.46 -51.22 14.12
CA LYS A 140 37.52 -50.39 14.72
C LYS A 140 36.96 -49.39 15.75
N GLY A 141 35.73 -49.63 16.19
CA GLY A 141 35.07 -48.84 17.23
C GLY A 141 34.61 -47.46 16.79
N LYS A 142 34.36 -47.31 15.50
CA LYS A 142 34.01 -46.02 14.89
C LYS A 142 32.72 -46.14 14.08
N SER A 143 32.32 -45.02 13.47
CA SER A 143 31.24 -45.04 12.46
C SER A 143 31.71 -44.28 11.21
N ALA A 144 31.12 -44.62 10.07
CA ALA A 144 31.54 -44.01 8.82
C ALA A 144 31.00 -42.60 8.64
N LEU A 145 29.69 -42.44 8.87
CA LEU A 145 28.99 -41.17 8.60
C LEU A 145 27.93 -40.79 9.63
N MET A 146 27.99 -39.55 10.11
CA MET A 146 27.02 -39.02 11.07
C MET A 146 26.69 -37.57 10.78
N PHE A 147 25.40 -37.30 10.56
CA PHE A 147 24.93 -35.95 10.23
C PHE A 147 23.49 -35.71 10.63
N ASN A 148 23.18 -34.44 10.90
CA ASN A 148 21.86 -34.00 11.33
C ASN A 148 20.72 -34.57 10.48
N LEU A 149 20.00 -35.54 11.03
CA LEU A 149 18.88 -36.16 10.33
C LEU A 149 17.57 -35.46 10.66
N GLN A 150 17.56 -34.73 11.78
CA GLN A 150 16.37 -33.99 12.22
C GLN A 150 15.91 -32.91 11.23
N GLU A 151 16.87 -32.25 10.59
CA GLU A 151 16.56 -31.17 9.65
C GLU A 151 16.52 -31.66 8.20
N PRO A 152 15.43 -31.34 7.49
CA PRO A 152 15.28 -31.76 6.09
C PRO A 152 16.38 -31.21 5.19
N TYR A 153 17.04 -30.14 5.61
CA TYR A 153 18.12 -29.51 4.83
C TYR A 153 19.29 -30.45 4.56
N PHE A 154 19.61 -31.31 5.52
CA PHE A 154 20.78 -32.18 5.42
C PHE A 154 20.50 -33.49 4.69
N THR A 155 19.26 -33.96 4.74
CA THR A 155 18.89 -35.22 4.10
C THR A 155 18.49 -35.03 2.66
N TRP A 156 18.15 -33.80 2.29
CA TRP A 156 17.68 -33.48 0.94
C TRP A 156 18.67 -33.83 -0.19
N PRO A 157 19.98 -33.55 -0.02
CA PRO A 157 20.97 -33.95 -1.03
C PRO A 157 20.81 -35.39 -1.55
N LEU A 158 20.49 -36.30 -0.65
CA LEU A 158 20.23 -37.68 -1.03
C LEU A 158 18.85 -37.84 -1.66
N ILE A 159 17.84 -37.22 -1.05
CA ILE A 159 16.46 -37.33 -1.51
C ILE A 159 16.23 -36.68 -2.88
N ALA A 160 17.12 -35.77 -3.24
CA ALA A 160 17.03 -35.07 -4.52
C ALA A 160 17.98 -35.62 -5.59
N ALA A 161 18.74 -36.67 -5.26
CA ALA A 161 19.81 -37.16 -6.13
C ALA A 161 19.31 -37.87 -7.37
N ASP A 162 18.39 -38.82 -7.19
CA ASP A 162 17.86 -39.63 -8.28
C ASP A 162 16.64 -39.05 -8.99
N GLY A 163 16.16 -37.89 -8.54
CA GLY A 163 15.06 -37.21 -9.23
C GLY A 163 14.09 -36.36 -8.42
N GLY A 164 14.41 -36.13 -7.15
CA GLY A 164 13.57 -35.29 -6.29
C GLY A 164 13.76 -33.80 -6.54
N TYR A 165 12.73 -33.01 -6.25
CA TYR A 165 12.79 -31.54 -6.36
C TYR A 165 11.70 -30.88 -5.55
N ALA A 166 11.98 -29.66 -5.07
CA ALA A 166 10.99 -28.85 -4.34
C ALA A 166 9.83 -28.44 -5.25
N PHE A 167 10.02 -27.36 -6.00
CA PHE A 167 8.99 -26.89 -6.92
C PHE A 167 9.55 -26.79 -8.32
N LYS A 168 8.81 -27.31 -9.31
CA LYS A 168 9.25 -27.23 -10.71
C LYS A 168 9.33 -25.77 -11.16
N TYR A 169 10.48 -25.38 -11.69
CA TYR A 169 10.62 -24.08 -12.33
C TYR A 169 10.28 -24.26 -13.80
N GLU A 170 9.62 -23.26 -14.38
CA GLU A 170 9.27 -23.25 -15.79
C GLU A 170 9.01 -21.81 -16.19
N ASN A 171 9.55 -21.40 -17.34
CA ASN A 171 9.28 -20.06 -17.88
C ASN A 171 9.36 -18.95 -16.85
N GLY A 172 10.38 -18.99 -16.01
CA GLY A 172 10.61 -17.93 -15.02
C GLY A 172 9.59 -17.80 -13.89
N LYS A 173 9.01 -18.90 -13.44
CA LYS A 173 8.31 -18.94 -12.15
C LYS A 173 8.16 -20.39 -11.62
N TYR A 174 7.83 -20.51 -10.32
CA TYR A 174 7.64 -21.81 -9.68
C TYR A 174 6.20 -22.24 -9.76
N ASP A 175 5.99 -23.52 -9.96
CA ASP A 175 4.66 -24.10 -9.94
C ASP A 175 4.41 -24.61 -8.52
N ILE A 176 3.58 -23.92 -7.75
CA ILE A 176 3.35 -24.34 -6.37
C ILE A 176 2.58 -25.65 -6.31
N LYS A 177 1.95 -26.02 -7.42
CA LYS A 177 1.13 -27.20 -7.51
C LYS A 177 1.98 -28.44 -7.81
N ASP A 178 3.09 -28.23 -8.54
CA ASP A 178 4.01 -29.30 -8.95
C ASP A 178 5.13 -29.50 -7.93
N VAL A 179 5.12 -30.65 -7.27
CA VAL A 179 6.15 -30.98 -6.29
C VAL A 179 6.74 -32.37 -6.56
N GLY A 180 8.06 -32.46 -6.54
CA GLY A 180 8.75 -33.72 -6.81
C GLY A 180 9.25 -34.40 -5.56
N VAL A 181 8.42 -34.38 -4.53
CA VAL A 181 8.75 -34.96 -3.25
C VAL A 181 8.44 -36.46 -3.23
N ASP A 182 7.46 -36.89 -4.03
CA ASP A 182 7.07 -38.28 -4.00
C ASP A 182 7.18 -39.03 -5.34
N ASN A 183 8.10 -38.59 -6.19
CA ASN A 183 8.39 -39.33 -7.42
C ASN A 183 9.27 -40.56 -7.15
N ALA A 184 9.52 -41.34 -8.20
CA ALA A 184 10.33 -42.54 -8.09
C ALA A 184 11.70 -42.28 -7.43
N GLY A 185 12.38 -41.24 -7.88
CA GLY A 185 13.74 -40.93 -7.43
C GLY A 185 13.89 -40.51 -5.98
N ALA A 186 12.89 -39.79 -5.48
CA ALA A 186 12.86 -39.35 -4.09
C ALA A 186 12.68 -40.54 -3.16
N LYS A 187 11.79 -41.47 -3.55
CA LYS A 187 11.58 -42.70 -2.79
C LYS A 187 12.88 -43.51 -2.70
N ALA A 188 13.57 -43.62 -3.82
CA ALA A 188 14.87 -44.30 -3.88
C ALA A 188 15.85 -43.70 -2.88
N GLY A 189 15.85 -42.37 -2.77
CA GLY A 189 16.72 -41.64 -1.86
C GLY A 189 16.37 -41.83 -0.40
N LEU A 190 15.08 -41.74 -0.08
CA LEU A 190 14.62 -41.93 1.29
C LEU A 190 14.66 -43.41 1.73
N THR A 191 14.28 -44.32 0.83
CA THR A 191 14.39 -45.76 1.09
C THR A 191 15.82 -46.10 1.48
N PHE A 192 16.78 -45.60 0.70
CA PHE A 192 18.19 -45.83 0.98
C PHE A 192 18.62 -45.26 2.33
N LEU A 193 18.15 -44.05 2.65
CA LEU A 193 18.47 -43.44 3.93
C LEU A 193 17.90 -44.22 5.10
N VAL A 194 16.63 -44.64 4.98
CA VAL A 194 15.95 -45.45 6.00
C VAL A 194 16.66 -46.80 6.22
N ASP A 195 17.15 -47.39 5.12
CA ASP A 195 17.93 -48.63 5.20
C ASP A 195 19.20 -48.47 6.04
N LEU A 196 19.81 -47.29 6.00
CA LEU A 196 21.01 -46.98 6.79
C LEU A 196 20.68 -46.99 8.28
N ILE A 197 19.50 -46.51 8.62
CA ILE A 197 19.00 -46.57 9.98
C ILE A 197 18.65 -48.01 10.35
N LYS A 198 17.90 -48.68 9.46
CA LYS A 198 17.52 -50.08 9.64
C LYS A 198 18.72 -50.96 9.96
N ASN A 199 19.73 -50.91 9.10
CA ASN A 199 20.91 -51.75 9.24
C ASN A 199 21.93 -51.27 10.28
N LYS A 200 21.50 -50.38 11.17
CA LYS A 200 22.32 -49.91 12.30
C LYS A 200 23.54 -49.09 11.88
N HIS A 201 23.56 -48.58 10.65
CA HIS A 201 24.69 -47.79 10.16
C HIS A 201 24.65 -46.37 10.73
N MET A 202 23.45 -45.84 10.89
CA MET A 202 23.24 -44.55 11.54
C MET A 202 22.12 -44.66 12.55
N ASN A 203 22.08 -43.70 13.47
CA ASN A 203 21.02 -43.58 14.45
C ASN A 203 20.01 -42.54 13.97
N ALA A 204 18.72 -42.85 14.12
CA ALA A 204 17.65 -41.93 13.72
C ALA A 204 17.63 -40.64 14.55
N ASP A 205 18.15 -40.73 15.77
CA ASP A 205 18.14 -39.63 16.73
C ASP A 205 19.19 -38.53 16.47
N THR A 206 20.18 -38.84 15.65
CA THR A 206 21.31 -37.94 15.40
C THR A 206 20.88 -36.51 15.00
N ASP A 207 21.02 -35.56 15.91
CA ASP A 207 20.78 -34.13 15.61
C ASP A 207 22.11 -33.41 15.36
N TYR A 208 22.05 -32.10 15.14
CA TYR A 208 23.23 -31.31 14.76
C TYR A 208 24.43 -31.44 15.71
N SER A 209 24.20 -31.25 17.01
CA SER A 209 25.30 -31.25 18.00
C SER A 209 25.88 -32.64 18.28
N ILE A 210 25.02 -33.65 18.18
CA ILE A 210 25.45 -35.04 18.35
C ILE A 210 26.45 -35.43 17.28
N ALA A 211 26.14 -35.05 16.04
CA ALA A 211 26.93 -35.45 14.87
C ALA A 211 28.20 -34.62 14.68
N GLU A 212 28.23 -33.40 15.21
CA GLU A 212 29.41 -32.56 15.07
C GLU A 212 30.45 -32.89 16.13
N ALA A 213 30.02 -33.00 17.37
CA ALA A 213 30.89 -33.41 18.47
C ALA A 213 31.38 -34.84 18.26
N ALA A 214 30.60 -35.64 17.53
CA ALA A 214 31.02 -36.97 17.11
C ALA A 214 32.19 -36.89 16.14
N PHE A 215 32.10 -36.00 15.15
CA PHE A 215 33.17 -35.81 14.18
C PHE A 215 34.40 -35.14 14.77
N ASN A 216 34.18 -34.16 15.64
CA ASN A 216 35.26 -33.37 16.22
C ASN A 216 36.11 -34.17 17.19
N LYS A 217 35.48 -35.10 17.90
CA LYS A 217 36.19 -35.98 18.82
C LYS A 217 36.74 -37.25 18.13
N GLY A 218 36.72 -37.24 16.80
CA GLY A 218 37.28 -38.32 15.99
C GLY A 218 36.47 -39.61 16.01
N GLU A 219 35.21 -39.51 16.44
CA GLU A 219 34.35 -40.69 16.60
C GLU A 219 33.65 -41.14 15.30
N THR A 220 33.58 -40.26 14.31
CA THR A 220 33.05 -40.63 13.00
C THR A 220 33.98 -40.19 11.86
N ALA A 221 33.96 -40.96 10.77
CA ALA A 221 34.82 -40.72 9.62
C ALA A 221 34.34 -39.59 8.71
N MET A 222 33.02 -39.46 8.57
CA MET A 222 32.43 -38.47 7.65
C MET A 222 31.24 -37.76 8.23
N THR A 223 31.13 -36.47 7.90
CA THR A 223 29.94 -35.68 8.25
C THR A 223 29.48 -34.90 7.02
N ILE A 224 28.20 -34.51 7.03
CA ILE A 224 27.68 -33.59 6.02
C ILE A 224 27.31 -32.31 6.75
N ASN A 225 28.00 -31.23 6.40
CA ASN A 225 27.81 -29.94 7.02
C ASN A 225 28.21 -28.79 6.10
N GLY A 226 27.87 -27.57 6.49
CA GLY A 226 28.19 -26.39 5.69
C GLY A 226 29.44 -25.67 6.15
N PRO A 227 29.87 -24.66 5.37
CA PRO A 227 31.05 -23.84 5.65
C PRO A 227 31.18 -23.42 7.10
N TRP A 228 30.08 -22.95 7.70
CA TRP A 228 30.08 -22.46 9.08
C TRP A 228 30.74 -23.41 10.06
N ALA A 229 30.63 -24.71 9.80
CA ALA A 229 31.07 -25.75 10.71
C ALA A 229 32.59 -26.01 10.73
N TRP A 230 33.31 -25.35 9.83
CA TRP A 230 34.76 -25.59 9.66
C TRP A 230 35.59 -25.10 10.83
N SER A 231 35.19 -23.98 11.43
CA SER A 231 35.92 -23.39 12.55
C SER A 231 36.12 -24.32 13.75
N ASN A 232 35.11 -25.16 14.02
CA ASN A 232 35.15 -26.10 15.14
C ASN A 232 36.05 -27.31 14.90
N ILE A 233 36.15 -27.75 13.65
CA ILE A 233 37.01 -28.85 13.26
C ILE A 233 38.48 -28.44 13.38
N ASP A 234 38.74 -27.16 13.12
CA ASP A 234 40.07 -26.60 13.23
C ASP A 234 40.52 -26.47 14.69
N THR A 235 39.58 -26.14 15.58
CA THR A 235 39.82 -26.07 17.02
C THR A 235 40.08 -27.47 17.58
N SER A 236 39.31 -28.44 17.09
CA SER A 236 39.43 -29.81 17.55
C SER A 236 40.63 -30.53 16.92
N LYS A 237 41.30 -29.85 15.99
CA LYS A 237 42.53 -30.35 15.34
C LYS A 237 42.40 -31.74 14.73
N VAL A 238 41.35 -31.90 13.94
CA VAL A 238 41.13 -33.10 13.14
C VAL A 238 41.60 -32.80 11.72
N ASN A 239 42.45 -33.68 11.20
CA ASN A 239 42.91 -33.57 9.82
C ASN A 239 41.76 -33.93 8.86
N TYR A 240 41.18 -32.90 8.27
CA TYR A 240 39.97 -33.04 7.46
C TYR A 240 40.13 -32.49 6.05
N GLY A 241 39.36 -33.06 5.13
CA GLY A 241 39.20 -32.50 3.79
C GLY A 241 37.74 -32.23 3.53
N VAL A 242 37.46 -31.27 2.66
CA VAL A 242 36.09 -30.98 2.24
C VAL A 242 35.95 -31.36 0.77
N THR A 243 35.00 -32.22 0.45
CA THR A 243 34.89 -32.78 -0.90
C THR A 243 33.46 -32.86 -1.43
N VAL A 244 33.34 -33.04 -2.75
CA VAL A 244 32.04 -33.21 -3.41
C VAL A 244 31.32 -34.40 -2.78
N LEU A 245 30.01 -34.26 -2.57
CA LEU A 245 29.18 -35.30 -1.96
C LEU A 245 29.19 -36.57 -2.81
N PRO A 246 28.91 -37.73 -2.18
CA PRO A 246 28.86 -39.00 -2.91
C PRO A 246 27.72 -39.04 -3.92
N THR A 247 27.94 -39.69 -5.06
CA THR A 247 26.88 -39.86 -6.04
C THR A 247 25.90 -40.91 -5.55
N PHE A 248 24.63 -40.76 -5.90
CA PHE A 248 23.65 -41.81 -5.65
C PHE A 248 23.03 -42.28 -6.96
N LYS A 249 23.09 -43.58 -7.19
CA LYS A 249 22.63 -44.20 -8.44
C LYS A 249 23.27 -43.54 -9.67
N GLY A 250 24.55 -43.19 -9.54
CA GLY A 250 25.32 -42.57 -10.63
C GLY A 250 24.94 -41.13 -10.89
N GLN A 251 24.08 -40.60 -10.03
CA GLN A 251 23.63 -39.21 -10.09
C GLN A 251 24.22 -38.45 -8.92
N PRO A 252 24.75 -37.24 -9.17
CA PRO A 252 25.24 -36.43 -8.06
C PRO A 252 24.15 -36.03 -7.06
N SER A 253 24.52 -35.97 -5.79
CA SER A 253 23.64 -35.44 -4.74
C SER A 253 23.33 -33.97 -5.02
N LYS A 254 22.09 -33.57 -4.77
CA LYS A 254 21.66 -32.23 -5.15
C LYS A 254 21.31 -31.37 -3.93
N PRO A 255 22.32 -30.75 -3.28
CA PRO A 255 22.04 -29.96 -2.08
C PRO A 255 21.35 -28.64 -2.42
N PHE A 256 20.54 -28.15 -1.50
CA PHE A 256 19.92 -26.84 -1.67
C PHE A 256 20.95 -25.74 -1.51
N VAL A 257 20.89 -24.75 -2.39
CA VAL A 257 21.83 -23.64 -2.32
C VAL A 257 21.20 -22.49 -1.57
N GLY A 258 21.86 -22.11 -0.48
CA GLY A 258 21.42 -21.01 0.36
C GLY A 258 22.27 -19.78 0.11
N VAL A 259 21.62 -18.66 -0.16
CA VAL A 259 22.29 -17.37 -0.16
C VAL A 259 21.90 -16.65 1.13
N LEU A 260 22.83 -16.65 2.08
CA LEU A 260 22.64 -15.93 3.33
C LEU A 260 22.37 -14.48 3.00
N SER A 261 21.23 -13.97 3.47
CA SER A 261 20.82 -12.63 3.13
C SER A 261 20.56 -11.84 4.39
N ALA A 262 20.66 -10.52 4.29
CA ALA A 262 20.35 -9.64 5.40
C ALA A 262 19.17 -8.77 5.01
N GLY A 263 18.07 -8.88 5.74
CA GLY A 263 16.87 -8.10 5.49
C GLY A 263 16.66 -7.04 6.54
N ILE A 264 15.98 -5.97 6.16
CA ILE A 264 15.71 -4.83 7.03
C ILE A 264 14.23 -4.77 7.41
N ASN A 265 13.95 -4.78 8.71
CA ASN A 265 12.59 -4.75 9.24
C ASN A 265 11.79 -3.55 8.78
N ALA A 266 10.69 -3.80 8.09
CA ALA A 266 9.80 -2.75 7.61
C ALA A 266 9.27 -1.89 8.77
N ALA A 267 9.21 -2.48 9.96
CA ALA A 267 8.74 -1.77 11.15
C ALA A 267 9.86 -0.93 11.79
N SER A 268 11.11 -1.22 11.47
CA SER A 268 12.25 -0.51 12.07
C SER A 268 12.27 0.97 11.70
N PRO A 269 12.44 1.84 12.72
CA PRO A 269 12.62 3.28 12.45
C PRO A 269 14.09 3.61 12.17
N ASN A 270 14.90 2.59 11.92
CA ASN A 270 16.35 2.72 11.78
C ASN A 270 16.85 2.28 10.40
N LYS A 271 15.93 2.25 9.43
CA LYS A 271 16.20 1.78 8.07
C LYS A 271 17.45 2.39 7.44
N GLU A 272 17.63 3.70 7.58
CA GLU A 272 18.82 4.35 7.04
C GLU A 272 20.10 3.89 7.73
N LEU A 273 20.07 3.78 9.05
CA LEU A 273 21.20 3.26 9.83
C LEU A 273 21.46 1.78 9.53
N ALA A 274 20.41 1.05 9.14
CA ALA A 274 20.55 -0.34 8.71
C ALA A 274 21.33 -0.44 7.40
N LYS A 275 20.85 0.28 6.38
CA LYS A 275 21.51 0.37 5.08
C LYS A 275 22.97 0.81 5.21
N GLU A 276 23.18 1.85 6.00
CA GLU A 276 24.51 2.39 6.30
C GLU A 276 25.47 1.35 6.87
N PHE A 277 24.95 0.54 7.79
CA PHE A 277 25.76 -0.51 8.42
C PHE A 277 26.06 -1.65 7.46
N LEU A 278 25.06 -2.07 6.70
CA LEU A 278 25.18 -3.22 5.81
C LEU A 278 26.05 -2.95 4.58
N GLU A 279 25.83 -1.79 3.96
CA GLU A 279 26.57 -1.41 2.76
C GLU A 279 28.02 -1.03 3.04
N ASN A 280 28.24 -0.26 4.10
CA ASN A 280 29.56 0.31 4.36
C ASN A 280 30.41 -0.42 5.38
N TYR A 281 29.79 -1.10 6.33
CA TYR A 281 30.55 -1.77 7.40
C TYR A 281 30.62 -3.29 7.28
N LEU A 282 29.53 -3.92 6.84
CA LEU A 282 29.53 -5.37 6.75
C LEU A 282 30.03 -5.90 5.39
N LEU A 283 29.45 -5.40 4.31
CA LEU A 283 29.83 -5.85 2.96
C LEU A 283 31.10 -5.14 2.45
N THR A 284 32.19 -5.34 3.18
CA THR A 284 33.50 -4.79 2.85
C THR A 284 34.54 -5.84 3.21
N ASP A 285 35.71 -5.79 2.56
CA ASP A 285 36.75 -6.80 2.78
C ASP A 285 37.06 -7.03 4.26
N GLU A 286 37.03 -5.96 5.04
CA GLU A 286 37.31 -6.00 6.47
C GLU A 286 36.15 -6.64 7.24
N GLY A 287 34.95 -6.11 7.00
CA GLY A 287 33.71 -6.58 7.65
C GLY A 287 33.44 -8.05 7.46
N LEU A 288 33.57 -8.52 6.23
CA LEU A 288 33.34 -9.94 5.92
C LEU A 288 34.44 -10.81 6.47
N GLU A 289 35.66 -10.29 6.52
CA GLU A 289 36.76 -11.01 7.14
C GLU A 289 36.45 -11.26 8.61
N ALA A 290 36.00 -10.22 9.31
CA ALA A 290 35.65 -10.32 10.72
C ALA A 290 34.64 -11.45 10.99
N VAL A 291 33.57 -11.50 10.20
CA VAL A 291 32.58 -12.57 10.29
C VAL A 291 33.18 -13.90 9.85
N ASN A 292 33.90 -13.89 8.73
CA ASN A 292 34.53 -15.08 8.16
C ASN A 292 35.56 -15.72 9.09
N LYS A 293 36.28 -14.89 9.85
CA LYS A 293 37.23 -15.37 10.85
C LYS A 293 36.54 -16.13 11.98
N ASP A 294 35.34 -15.70 12.34
CA ASP A 294 34.57 -16.32 13.43
C ASP A 294 34.00 -17.68 13.02
N LYS A 295 33.22 -17.68 11.94
CA LYS A 295 32.77 -18.91 11.29
C LYS A 295 32.80 -18.62 9.80
N PRO A 296 33.26 -19.58 8.97
CA PRO A 296 33.36 -19.35 7.53
C PRO A 296 32.00 -19.07 6.93
N LEU A 297 31.94 -18.10 6.03
CA LEU A 297 30.68 -17.68 5.43
C LEU A 297 30.32 -18.51 4.20
N GLY A 298 31.34 -19.11 3.58
CA GLY A 298 31.16 -19.78 2.30
C GLY A 298 31.71 -18.86 1.24
N ALA A 299 31.14 -18.91 0.04
CA ALA A 299 31.54 -18.02 -1.03
C ALA A 299 30.78 -16.70 -0.91
N VAL A 300 31.48 -15.66 -0.47
CA VAL A 300 30.88 -14.34 -0.23
C VAL A 300 30.40 -13.63 -1.49
N ALA A 301 29.38 -12.80 -1.32
CA ALA A 301 28.78 -12.03 -2.41
C ALA A 301 29.73 -10.98 -2.98
N LEU A 302 30.52 -10.38 -2.11
CA LEU A 302 31.45 -9.32 -2.49
C LEU A 302 32.55 -9.87 -3.38
N LYS A 303 32.54 -9.43 -4.63
CA LYS A 303 33.46 -9.95 -5.66
C LYS A 303 34.92 -9.83 -5.23
N SER A 304 35.27 -8.67 -4.67
CA SER A 304 36.64 -8.36 -4.26
C SER A 304 37.16 -9.30 -3.17
N TYR A 305 36.40 -9.48 -2.10
CA TYR A 305 36.80 -10.41 -1.05
C TYR A 305 36.63 -11.87 -1.47
N GLU A 306 35.75 -12.11 -2.44
CA GLU A 306 35.51 -13.45 -2.95
C GLU A 306 36.74 -14.02 -3.67
N GLU A 307 37.37 -13.24 -4.53
CA GLU A 307 38.55 -13.70 -5.26
C GLU A 307 39.60 -14.28 -4.34
N GLU A 308 39.64 -13.80 -3.09
CA GLU A 308 40.59 -14.29 -2.08
C GLU A 308 40.24 -15.69 -1.57
N LEU A 309 39.02 -15.85 -1.08
CA LEU A 309 38.54 -17.15 -0.57
C LEU A 309 38.40 -18.18 -1.68
N ALA A 310 38.32 -17.70 -2.93
CA ALA A 310 38.20 -18.55 -4.11
C ALA A 310 39.50 -19.27 -4.48
N LYS A 311 40.50 -19.16 -3.61
CA LYS A 311 41.72 -19.95 -3.75
C LYS A 311 41.76 -21.05 -2.68
N ASP A 312 40.88 -20.92 -1.69
CA ASP A 312 40.71 -21.89 -0.62
C ASP A 312 40.04 -23.13 -1.17
N PRO A 313 40.72 -24.30 -1.07
CA PRO A 313 40.20 -25.60 -1.53
C PRO A 313 38.83 -25.97 -0.95
N ARG A 314 38.58 -25.57 0.30
CA ARG A 314 37.33 -25.88 0.99
C ARG A 314 36.14 -25.17 0.34
N ILE A 315 36.37 -23.95 -0.11
CA ILE A 315 35.38 -23.18 -0.87
C ILE A 315 35.13 -23.86 -2.22
N ALA A 316 36.20 -24.17 -2.95
CA ALA A 316 36.11 -24.82 -4.25
C ALA A 316 35.14 -26.00 -4.23
N ALA A 317 35.22 -26.80 -3.16
CA ALA A 317 34.38 -27.98 -2.99
C ALA A 317 32.94 -27.64 -2.66
N THR A 318 32.73 -26.53 -1.96
CA THR A 318 31.39 -25.99 -1.69
C THR A 318 30.76 -25.49 -3.00
N MET A 319 31.56 -24.78 -3.80
CA MET A 319 31.15 -24.31 -5.12
C MET A 319 30.85 -25.45 -6.07
N GLU A 320 31.68 -26.48 -6.04
CA GLU A 320 31.44 -27.67 -6.84
C GLU A 320 30.09 -28.30 -6.44
N ASN A 321 29.84 -28.38 -5.14
CA ASN A 321 28.58 -28.93 -4.62
C ASN A 321 27.40 -28.01 -4.88
N ALA A 322 27.66 -26.70 -4.96
CA ALA A 322 26.64 -25.72 -5.26
C ALA A 322 26.18 -25.85 -6.70
N GLN A 323 27.13 -26.01 -7.62
CA GLN A 323 26.80 -26.17 -9.04
C GLN A 323 25.98 -27.43 -9.29
N LYS A 324 26.16 -28.45 -8.45
CA LYS A 324 25.49 -29.73 -8.63
C LYS A 324 24.14 -29.77 -7.94
N GLY A 325 23.89 -28.75 -7.12
CA GLY A 325 22.63 -28.63 -6.38
C GLY A 325 21.59 -27.79 -7.09
N GLU A 326 20.54 -27.43 -6.36
CA GLU A 326 19.52 -26.51 -6.86
C GLU A 326 19.32 -25.38 -5.85
N ILE A 327 19.29 -24.15 -6.33
CA ILE A 327 19.03 -23.00 -5.47
C ILE A 327 17.58 -22.98 -4.95
N MET A 328 17.44 -22.90 -3.62
CA MET A 328 16.15 -22.94 -2.93
C MET A 328 15.16 -21.94 -3.46
N PRO A 329 13.94 -22.39 -3.75
CA PRO A 329 12.87 -21.47 -4.10
C PRO A 329 12.66 -20.51 -2.94
N ASN A 330 12.46 -19.24 -3.23
CA ASN A 330 12.19 -18.30 -2.17
C ASN A 330 10.71 -17.96 -2.06
N ILE A 331 9.85 -18.74 -2.74
CA ILE A 331 8.41 -18.55 -2.65
C ILE A 331 7.84 -18.83 -1.24
N PRO A 332 6.69 -18.22 -0.88
CA PRO A 332 6.07 -18.39 0.45
C PRO A 332 5.73 -19.84 0.81
N GLN A 333 5.37 -20.64 -0.19
CA GLN A 333 4.99 -22.04 0.01
C GLN A 333 6.14 -22.92 0.52
N MET A 334 7.31 -22.32 0.74
CA MET A 334 8.45 -23.04 1.28
C MET A 334 8.26 -23.56 2.69
N SER A 335 7.71 -22.74 3.58
CA SER A 335 7.62 -23.18 4.97
C SER A 335 6.79 -24.46 5.08
N ALA A 336 5.77 -24.58 4.25
CA ALA A 336 4.97 -25.81 4.20
C ALA A 336 5.81 -26.94 3.68
N PHE A 337 6.62 -26.67 2.67
CA PHE A 337 7.53 -27.65 2.11
C PHE A 337 8.47 -28.18 3.21
N TRP A 338 9.09 -27.27 3.96
CA TRP A 338 9.96 -27.69 5.05
C TRP A 338 9.26 -28.53 6.12
N TYR A 339 8.10 -28.07 6.59
CA TYR A 339 7.32 -28.81 7.58
C TYR A 339 6.96 -30.17 7.02
N ALA A 340 6.57 -30.22 5.75
CA ALA A 340 6.17 -31.45 5.09
C ALA A 340 7.30 -32.47 5.01
N VAL A 341 8.49 -31.99 4.63
CA VAL A 341 9.65 -32.85 4.45
C VAL A 341 10.27 -33.27 5.77
N ARG A 342 10.20 -32.41 6.80
CA ARG A 342 10.68 -32.77 8.14
C ARG A 342 9.83 -33.92 8.70
N THR A 343 8.52 -33.70 8.79
CA THR A 343 7.57 -34.73 9.19
C THR A 343 7.91 -36.03 8.46
N ALA A 344 8.03 -35.95 7.13
CA ALA A 344 8.21 -37.11 6.29
C ALA A 344 9.47 -37.91 6.66
N VAL A 345 10.61 -37.22 6.74
CA VAL A 345 11.88 -37.86 7.01
C VAL A 345 11.90 -38.42 8.42
N ILE A 346 11.38 -37.65 9.37
CA ILE A 346 11.25 -38.07 10.76
C ILE A 346 10.42 -39.36 10.91
N ASN A 347 9.24 -39.35 10.30
CA ASN A 347 8.34 -40.50 10.36
C ASN A 347 8.86 -41.72 9.66
N ALA A 348 9.58 -41.54 8.56
CA ALA A 348 10.13 -42.67 7.81
C ALA A 348 11.26 -43.35 8.57
N ALA A 349 12.17 -42.53 9.11
CA ALA A 349 13.37 -43.00 9.79
C ALA A 349 13.07 -43.61 11.16
N SER A 350 12.03 -43.10 11.82
CA SER A 350 11.61 -43.65 13.11
C SER A 350 10.85 -44.97 12.92
N GLY A 351 9.97 -45.00 11.93
CA GLY A 351 9.17 -46.20 11.64
C GLY A 351 7.69 -45.92 11.69
N ARG A 352 7.31 -44.72 12.14
CA ARG A 352 5.92 -44.28 12.17
C ARG A 352 5.22 -44.51 10.83
N GLN A 353 5.96 -44.40 9.74
CA GLN A 353 5.43 -44.60 8.40
C GLN A 353 6.42 -45.25 7.46
N THR A 354 5.90 -45.97 6.48
CA THR A 354 6.72 -46.53 5.43
C THR A 354 7.06 -45.39 4.49
N VAL A 355 8.24 -45.48 3.88
CA VAL A 355 8.77 -44.42 3.00
C VAL A 355 7.72 -43.86 2.02
N ASP A 356 6.95 -44.76 1.40
CA ASP A 356 5.97 -44.37 0.40
C ASP A 356 4.82 -43.57 1.02
N GLU A 357 4.33 -44.01 2.17
CA GLU A 357 3.29 -43.27 2.88
C GLU A 357 3.80 -41.91 3.32
N ALA A 358 5.00 -41.88 3.87
CA ALA A 358 5.61 -40.66 4.39
C ALA A 358 5.71 -39.56 3.32
N LEU A 359 6.08 -39.98 2.11
CA LEU A 359 6.31 -39.06 0.99
C LEU A 359 5.03 -38.64 0.29
N LYS A 360 4.07 -39.57 0.18
CA LYS A 360 2.77 -39.27 -0.39
C LYS A 360 2.00 -38.24 0.46
N ASP A 361 2.24 -38.24 1.76
CA ASP A 361 1.63 -37.26 2.65
C ASP A 361 2.37 -35.94 2.51
N ALA A 362 3.68 -36.03 2.36
CA ALA A 362 4.52 -34.85 2.16
C ALA A 362 4.19 -34.20 0.83
N GLN A 363 3.90 -35.02 -0.17
CA GLN A 363 3.41 -34.54 -1.46
C GLN A 363 2.16 -33.65 -1.28
N THR A 364 1.18 -34.17 -0.55
CA THR A 364 -0.09 -33.48 -0.40
C THR A 364 0.05 -32.22 0.48
N ASN A 365 0.87 -32.30 1.51
CA ASN A 365 1.06 -31.18 2.42
C ASN A 365 1.82 -30.04 1.75
N ALA A 366 2.96 -30.36 1.14
CA ALA A 366 3.82 -29.38 0.50
C ALA A 366 3.14 -28.69 -0.69
N ALA A 367 2.40 -29.45 -1.47
CA ALA A 367 1.75 -28.93 -2.67
C ALA A 367 0.54 -28.09 -2.33
N ALA A 368 0.55 -26.85 -2.81
CA ALA A 368 -0.59 -25.95 -2.63
C ALA A 368 -1.33 -25.85 -3.95
N GLU A 369 -2.66 -25.89 -3.90
CA GLU A 369 -3.48 -25.51 -5.05
C GLU A 369 -3.28 -24.03 -5.35
N PHE A 370 -3.27 -23.68 -6.62
CA PHE A 370 -2.96 -22.33 -7.11
C PHE A 370 -3.45 -21.21 -6.19
N ASP A 371 -2.68 -20.14 -6.05
CA ASP A 371 -3.15 -18.90 -5.39
C ASP A 371 -4.35 -18.35 -6.14
N ASP A 372 -5.38 -17.94 -5.40
CA ASP A 372 -6.53 -17.28 -6.03
C ASP A 372 -6.34 -15.78 -6.18
N VAL A 373 -5.36 -15.22 -5.48
CA VAL A 373 -5.01 -13.81 -5.59
C VAL A 373 -4.44 -13.47 -6.97
N MET A 374 -4.98 -12.42 -7.56
CA MET A 374 -4.55 -12.03 -8.89
C MET A 374 -3.24 -11.29 -8.86
N THR A 375 -2.28 -11.78 -9.62
CA THR A 375 -0.96 -11.20 -9.65
C THR A 375 -0.86 -10.13 -10.73
N LYS A 376 0.14 -9.26 -10.62
CA LYS A 376 0.35 -8.19 -11.59
C LYS A 376 0.44 -8.71 -13.00
N GLU A 377 1.18 -9.80 -13.17
CA GLU A 377 1.31 -10.48 -14.46
C GLU A 377 -0.05 -10.82 -15.08
N GLU A 378 -0.90 -11.48 -14.30
CA GLU A 378 -2.23 -11.91 -14.74
C GLU A 378 -3.14 -10.73 -15.05
N GLN A 379 -3.07 -9.69 -14.22
CA GLN A 379 -3.87 -8.48 -14.39
C GLN A 379 -3.55 -7.78 -15.70
N ILE A 380 -2.26 -7.80 -16.06
CA ILE A 380 -1.76 -7.21 -17.30
C ILE A 380 -2.25 -7.99 -18.51
N PHE A 381 -2.32 -9.31 -18.37
CA PHE A 381 -2.86 -10.17 -19.41
C PHE A 381 -4.31 -9.79 -19.72
N LEU A 382 -5.08 -9.55 -18.66
CA LEU A 382 -6.49 -9.13 -18.80
C LEU A 382 -6.61 -7.75 -19.42
N LEU A 383 -5.65 -6.88 -19.09
CA LEU A 383 -5.54 -5.57 -19.70
C LEU A 383 -5.19 -5.63 -21.19
N HIS A 384 -4.34 -6.57 -21.58
CA HIS A 384 -3.96 -6.74 -22.97
C HIS A 384 -5.08 -7.35 -23.75
N ARG A 385 -5.82 -8.25 -23.12
CA ARG A 385 -6.96 -8.85 -23.76
C ARG A 385 -8.11 -7.85 -23.87
N ALA A 386 -8.06 -6.77 -23.11
CA ALA A 386 -9.08 -5.71 -23.19
C ALA A 386 -8.68 -4.64 -24.21
N GLN A 387 -7.38 -4.41 -24.31
CA GLN A 387 -6.80 -3.56 -25.34
C GLN A 387 -7.12 -4.13 -26.69
N ALA A 388 -6.89 -5.44 -26.84
CA ALA A 388 -7.23 -6.19 -28.05
C ALA A 388 -8.68 -5.94 -28.45
N GLN A 389 -9.59 -6.13 -27.51
CA GLN A 389 -11.01 -5.95 -27.78
C GLN A 389 -11.31 -4.51 -28.19
N CYS A 390 -10.41 -3.60 -27.86
CA CYS A 390 -10.58 -2.21 -28.22
C CYS A 390 -10.11 -1.94 -29.65
N GLU A 391 -8.95 -2.47 -30.02
CA GLU A 391 -8.52 -2.45 -31.42
C GLU A 391 -9.69 -2.96 -32.23
N LYS A 392 -10.29 -4.05 -31.76
CA LYS A 392 -11.38 -4.72 -32.48
C LYS A 392 -12.60 -3.84 -32.69
N ARG A 393 -13.06 -3.17 -31.64
CA ARG A 393 -14.27 -2.34 -31.78
C ARG A 393 -14.00 -1.04 -32.56
N LEU A 394 -12.77 -0.55 -32.52
CA LEU A 394 -12.39 0.62 -33.33
C LEU A 394 -12.30 0.23 -34.81
N LYS A 395 -11.71 -0.92 -35.10
CA LYS A 395 -11.63 -1.46 -36.45
C LYS A 395 -13.00 -1.78 -37.05
N GLU A 396 -13.97 -2.06 -36.18
CA GLU A 396 -15.29 -2.44 -36.63
C GLU A 396 -16.27 -1.27 -36.69
N VAL A 397 -16.00 -0.21 -35.93
CA VAL A 397 -16.72 1.04 -36.10
C VAL A 397 -16.27 1.74 -37.39
N LEU A 398 -14.96 1.72 -37.63
CA LEU A 398 -14.38 2.37 -38.81
C LEU A 398 -14.60 1.60 -40.12
N GLN A 399 -15.01 0.34 -40.00
CA GLN A 399 -15.28 -0.50 -41.16
C GLN A 399 -16.51 0.00 -41.91
N ARG A 400 -17.37 0.75 -41.21
CA ARG A 400 -18.49 1.46 -41.84
C ARG A 400 -18.34 2.98 -41.76
N ARG A 448 -19.92 15.01 -35.96
CA ARG A 448 -19.10 13.82 -35.75
C ARG A 448 -19.01 13.45 -34.27
N PRO A 449 -19.04 12.14 -33.97
CA PRO A 449 -18.80 11.62 -32.62
C PRO A 449 -17.31 11.45 -32.33
N CYS A 450 -16.94 11.45 -31.05
CA CYS A 450 -15.58 11.13 -30.65
C CYS A 450 -15.32 9.64 -30.77
N LEU A 451 -14.18 9.28 -31.35
CA LEU A 451 -13.90 7.90 -31.68
C LEU A 451 -13.52 7.05 -30.47
N PRO A 452 -14.03 5.80 -30.41
CA PRO A 452 -13.58 4.83 -29.43
C PRO A 452 -12.07 4.77 -29.37
N GLU A 453 -11.52 4.90 -28.16
CA GLU A 453 -10.08 4.75 -27.98
C GLU A 453 -9.72 4.13 -26.64
N TRP A 454 -8.48 3.65 -26.58
CA TRP A 454 -7.96 2.89 -25.47
C TRP A 454 -6.96 3.74 -24.73
N ASP A 455 -7.16 3.93 -23.43
CA ASP A 455 -6.27 4.77 -22.66
C ASP A 455 -5.45 4.03 -21.63
N HIS A 456 -5.11 2.78 -21.95
CA HIS A 456 -4.27 1.90 -21.11
C HIS A 456 -5.02 1.21 -20.00
N ILE A 457 -6.27 1.61 -19.79
CA ILE A 457 -7.15 0.99 -18.78
C ILE A 457 -8.54 0.64 -19.32
N LEU A 458 -9.25 1.65 -19.83
CA LEU A 458 -10.59 1.45 -20.37
C LEU A 458 -10.58 1.55 -21.86
N CYS A 459 -11.71 1.21 -22.47
CA CYS A 459 -11.88 1.40 -23.88
C CYS A 459 -13.16 2.18 -24.12
N TRP A 460 -13.01 3.46 -24.44
CA TRP A 460 -14.11 4.43 -24.46
C TRP A 460 -14.94 4.27 -25.72
N PRO A 461 -16.27 4.24 -25.59
CA PRO A 461 -17.10 4.04 -26.76
C PRO A 461 -17.32 5.35 -27.51
N LEU A 462 -17.94 5.27 -28.69
CA LEU A 462 -18.34 6.43 -29.48
C LEU A 462 -18.95 7.48 -28.59
N GLY A 463 -18.40 8.69 -28.63
CA GLY A 463 -18.90 9.77 -27.78
C GLY A 463 -19.91 10.63 -28.49
N ALA A 464 -20.99 11.01 -27.79
CA ALA A 464 -21.94 11.97 -28.35
C ALA A 464 -21.34 13.38 -28.24
N PRO A 465 -21.25 14.10 -29.39
CA PRO A 465 -20.60 15.43 -29.40
C PRO A 465 -21.23 16.40 -28.40
N GLY A 466 -20.39 17.08 -27.62
CA GLY A 466 -20.83 18.03 -26.59
C GLY A 466 -21.14 17.40 -25.25
N GLU A 467 -21.21 16.08 -25.22
CA GLU A 467 -21.68 15.36 -24.04
C GLU A 467 -20.56 14.88 -23.12
N VAL A 468 -20.90 14.72 -21.85
CA VAL A 468 -20.07 13.96 -20.93
C VAL A 468 -20.36 12.49 -21.20
N VAL A 469 -19.30 11.70 -21.41
CA VAL A 469 -19.45 10.25 -21.61
C VAL A 469 -19.12 9.54 -20.30
N ALA A 470 -20.12 8.84 -19.76
CA ALA A 470 -19.91 7.98 -18.59
C ALA A 470 -19.69 6.58 -19.09
N VAL A 471 -18.67 5.91 -18.55
CA VAL A 471 -18.36 4.53 -18.88
C VAL A 471 -18.15 3.74 -17.59
N PRO A 472 -18.81 2.57 -17.48
CA PRO A 472 -18.75 1.82 -16.23
C PRO A 472 -17.34 1.33 -15.94
N CYS A 473 -16.84 1.62 -14.74
CA CYS A 473 -15.49 1.18 -14.33
C CYS A 473 -15.33 -0.28 -14.68
N PRO A 474 -14.24 -0.64 -15.38
CA PRO A 474 -14.13 -1.94 -16.04
C PRO A 474 -14.05 -3.08 -15.04
N ASP A 475 -14.82 -4.14 -15.28
CA ASP A 475 -14.84 -5.27 -14.36
C ASP A 475 -13.51 -6.04 -14.30
N TYR A 476 -12.73 -6.01 -15.39
CA TYR A 476 -11.43 -6.68 -15.44
C TYR A 476 -10.32 -6.05 -14.61
N ILE A 477 -10.52 -4.83 -14.13
CA ILE A 477 -9.54 -4.23 -13.23
C ILE A 477 -9.86 -4.69 -11.82
N TYR A 478 -9.08 -5.65 -11.33
CA TYR A 478 -9.33 -6.29 -10.06
C TYR A 478 -9.53 -5.28 -8.93
N ASP A 479 -8.64 -4.29 -8.87
CA ASP A 479 -8.65 -3.31 -7.78
C ASP A 479 -9.70 -2.18 -7.83
N PHE A 480 -10.39 -2.00 -8.96
CA PHE A 480 -11.36 -0.91 -9.07
C PHE A 480 -12.67 -1.19 -8.34
N ASN A 481 -13.54 -0.18 -8.27
CA ASN A 481 -14.92 -0.35 -7.84
C ASN A 481 -15.75 -0.43 -9.09
N HIS A 482 -16.20 -1.63 -9.42
CA HIS A 482 -16.77 -1.91 -10.73
C HIS A 482 -18.18 -1.38 -10.88
N LYS A 483 -18.67 -0.76 -9.82
CA LYS A 483 -20.00 -0.16 -9.84
C LYS A 483 -19.94 1.30 -10.28
N GLY A 484 -18.79 1.94 -10.06
CA GLY A 484 -18.62 3.35 -10.42
C GLY A 484 -18.61 3.59 -11.91
N HIS A 485 -18.38 4.86 -12.29
CA HIS A 485 -18.23 5.26 -13.68
C HIS A 485 -17.01 6.12 -13.84
N ALA A 486 -16.37 6.01 -15.01
CA ALA A 486 -15.31 6.91 -15.42
C ALA A 486 -15.89 7.87 -16.44
N TYR A 487 -15.33 9.09 -16.50
CA TYR A 487 -15.90 10.15 -17.32
C TYR A 487 -14.92 10.82 -18.27
N ARG A 488 -15.40 11.12 -19.49
CA ARG A 488 -14.71 12.02 -20.46
C ARG A 488 -15.71 13.01 -21.05
N ARG A 489 -15.24 14.21 -21.38
CA ARG A 489 -16.03 15.17 -22.16
C ARG A 489 -15.67 15.00 -23.63
N CYS A 490 -16.66 14.72 -24.46
CA CYS A 490 -16.48 14.72 -25.90
C CYS A 490 -16.90 16.10 -26.45
N ASP A 491 -15.95 16.85 -26.98
CA ASP A 491 -16.20 18.24 -27.35
C ASP A 491 -17.07 18.37 -28.61
N ARG A 492 -17.55 19.60 -28.85
CA ARG A 492 -18.45 19.91 -29.96
C ARG A 492 -18.02 19.39 -31.33
N ASN A 493 -16.71 19.25 -31.54
CA ASN A 493 -16.17 18.89 -32.86
C ASN A 493 -15.73 17.44 -33.01
N GLY A 494 -15.96 16.66 -31.95
CA GLY A 494 -15.68 15.25 -32.00
C GLY A 494 -14.28 14.84 -31.58
N SER A 495 -13.62 15.70 -30.83
CA SER A 495 -12.35 15.33 -30.18
C SER A 495 -12.57 15.23 -28.69
N TRP A 496 -11.90 14.28 -28.06
CA TRP A 496 -12.01 14.13 -26.63
C TRP A 496 -11.34 15.33 -25.96
N GLU A 497 -12.07 15.96 -25.06
CA GLU A 497 -11.60 17.12 -24.30
C GLU A 497 -10.25 16.83 -23.68
N LEU A 498 -9.40 17.85 -23.61
CA LEU A 498 -8.03 17.70 -23.13
C LEU A 498 -7.86 18.29 -21.74
N VAL A 499 -6.97 17.68 -20.96
CA VAL A 499 -6.50 18.25 -19.69
C VAL A 499 -5.98 19.67 -19.96
N PRO A 500 -6.50 20.67 -19.21
CA PRO A 500 -6.30 22.09 -19.55
C PRO A 500 -4.83 22.45 -19.77
N GLY A 501 -4.55 23.02 -20.95
CA GLY A 501 -3.21 23.43 -21.34
C GLY A 501 -2.17 22.32 -21.54
N HIS A 502 -2.63 21.06 -21.51
CA HIS A 502 -1.74 19.92 -21.78
C HIS A 502 -2.23 19.06 -22.93
N ASN A 503 -1.38 18.15 -23.38
CA ASN A 503 -1.75 17.22 -24.42
C ASN A 503 -1.91 15.83 -23.83
N ARG A 504 -2.93 15.69 -22.99
CA ARG A 504 -3.41 14.41 -22.47
C ARG A 504 -4.92 14.45 -22.54
N THR A 505 -5.53 13.30 -22.77
CA THR A 505 -6.98 13.23 -22.77
C THR A 505 -7.52 13.31 -21.35
N TRP A 506 -8.39 14.28 -21.10
CA TRP A 506 -9.04 14.41 -19.82
C TRP A 506 -9.97 13.23 -19.57
N ALA A 507 -9.82 12.63 -18.40
CA ALA A 507 -10.72 11.61 -17.92
C ALA A 507 -10.71 11.65 -16.40
N ASN A 508 -11.89 11.51 -15.79
CA ASN A 508 -12.01 11.43 -14.33
C ASN A 508 -12.35 10.00 -13.90
N TYR A 509 -11.49 9.40 -13.09
CA TYR A 509 -11.65 8.00 -12.70
C TYR A 509 -11.89 7.83 -11.20
N SER A 510 -12.34 8.89 -10.55
CA SER A 510 -12.36 8.94 -9.09
C SER A 510 -13.43 8.06 -8.46
N GLU A 511 -14.45 7.72 -9.23
CA GLU A 511 -15.41 6.73 -8.78
C GLU A 511 -14.83 5.31 -8.85
N CYS A 512 -13.93 5.08 -9.80
CA CYS A 512 -13.31 3.77 -9.99
C CYS A 512 -12.25 3.49 -8.95
N VAL A 513 -11.24 4.35 -8.88
CA VAL A 513 -10.08 4.15 -8.01
C VAL A 513 -10.51 4.02 -6.56
N LYS A 514 -9.93 3.07 -5.85
CA LYS A 514 -10.14 2.94 -4.41
C LYS A 514 -8.81 2.72 -3.68
N PHE A 515 -7.79 3.47 -4.09
CA PHE A 515 -6.44 3.23 -3.62
C PHE A 515 -6.36 3.36 -2.13
N LEU A 516 -7.06 4.33 -1.57
CA LEU A 516 -6.99 4.57 -0.12
C LEU A 516 -7.73 3.51 0.65
N THR A 517 -8.95 3.19 0.19
CA THR A 517 -9.79 2.18 0.82
C THR A 517 -9.10 0.84 0.88
N ASN A 518 -8.59 0.39 -0.26
CA ASN A 518 -7.79 -0.82 -0.32
C ASN A 518 -6.65 -0.84 0.71
N GLU A 519 -5.98 0.29 0.91
CA GLU A 519 -4.95 0.39 1.93
C GLU A 519 -5.54 0.28 3.34
N THR A 520 -6.58 1.07 3.60
CA THR A 520 -7.18 1.18 4.93
C THR A 520 -7.65 -0.20 5.39
N ARG A 521 -8.24 -0.95 4.47
CA ARG A 521 -8.75 -2.29 4.73
C ARG A 521 -7.62 -3.29 4.94
N GLU A 522 -6.66 -3.33 4.02
CA GLU A 522 -5.58 -4.28 4.11
C GLU A 522 -4.76 -4.00 5.37
N ARG A 523 -4.57 -2.72 5.69
CA ARG A 523 -3.85 -2.36 6.89
C ARG A 523 -4.51 -2.93 8.13
N GLU A 524 -5.83 -2.94 8.14
CA GLU A 524 -6.61 -3.50 9.25
C GLU A 524 -6.27 -4.96 9.48
N VAL A 525 -6.14 -5.72 8.40
CA VAL A 525 -5.79 -7.13 8.43
C VAL A 525 -4.36 -7.35 8.94
N PHE A 526 -3.45 -6.50 8.51
CA PHE A 526 -2.08 -6.54 9.00
C PHE A 526 -2.00 -6.27 10.50
N ASP A 527 -2.69 -5.24 10.99
CA ASP A 527 -2.64 -4.87 12.40
C ASP A 527 -3.20 -6.01 13.22
N ARG A 528 -4.24 -6.61 12.67
CA ARG A 528 -4.95 -7.72 13.24
C ARG A 528 -4.08 -8.98 13.33
N LEU A 529 -3.21 -9.17 12.34
CA LEU A 529 -2.29 -10.29 12.31
C LEU A 529 -1.12 -10.08 13.26
N HIS A 530 -0.97 -8.87 13.81
CA HIS A 530 0.30 -8.55 14.48
C HIS A 530 0.20 -7.94 15.88
N HIS A 531 -1.01 -7.56 16.26
CA HIS A 531 -1.22 -6.95 17.57
C HIS A 531 -2.49 -7.47 18.20
N GLU B 1 10.41 18.69 -9.10
CA GLU B 1 11.81 19.17 -8.91
C GLU B 1 12.17 19.43 -7.45
N GLU B 2 13.14 18.65 -6.96
CA GLU B 2 13.61 18.71 -5.58
C GLU B 2 14.09 20.10 -5.16
N GLY B 3 13.96 20.40 -3.86
CA GLY B 3 14.48 21.63 -3.29
C GLY B 3 13.76 22.93 -3.61
N LYS B 4 12.61 22.84 -4.28
CA LYS B 4 11.74 24.00 -4.47
C LYS B 4 10.26 23.62 -4.41
N LEU B 5 9.40 24.62 -4.17
CA LEU B 5 7.96 24.37 -4.05
C LEU B 5 7.12 25.05 -5.14
N VAL B 6 6.28 24.26 -5.80
CA VAL B 6 5.27 24.76 -6.71
C VAL B 6 3.94 24.68 -5.99
N ILE B 7 3.15 25.75 -6.06
CA ILE B 7 1.88 25.81 -5.35
C ILE B 7 0.74 26.26 -6.27
N TRP B 8 -0.25 25.40 -6.43
CA TRP B 8 -1.45 25.72 -7.18
C TRP B 8 -2.54 26.24 -6.26
N ILE B 9 -3.19 27.32 -6.66
CA ILE B 9 -4.28 27.92 -5.88
C ILE B 9 -5.22 28.60 -6.85
N ASN B 10 -6.49 28.71 -6.47
CA ASN B 10 -7.52 29.26 -7.35
C ASN B 10 -7.29 30.73 -7.71
N GLY B 11 -7.72 31.11 -8.91
CA GLY B 11 -7.46 32.45 -9.47
C GLY B 11 -8.32 33.57 -8.95
N ASP B 12 -9.36 33.23 -8.17
CA ASP B 12 -10.21 34.22 -7.52
C ASP B 12 -9.82 34.39 -6.04
N LYS B 13 -8.83 33.64 -5.59
CA LYS B 13 -8.28 33.73 -4.23
C LYS B 13 -7.05 34.66 -4.18
N GLY B 14 -6.46 34.82 -3.01
CA GLY B 14 -5.36 35.78 -2.80
C GLY B 14 -3.97 35.25 -3.09
N TYR B 15 -3.72 34.90 -4.35
CA TYR B 15 -2.46 34.27 -4.75
C TYR B 15 -1.23 35.18 -4.64
N ASN B 16 -1.43 36.48 -4.83
CA ASN B 16 -0.35 37.45 -4.68
C ASN B 16 0.12 37.54 -3.23
N GLY B 17 -0.85 37.45 -2.31
CA GLY B 17 -0.57 37.37 -0.87
C GLY B 17 0.16 36.09 -0.49
N LEU B 18 -0.25 34.98 -1.10
CA LEU B 18 0.41 33.70 -0.86
C LEU B 18 1.84 33.69 -1.40
N ALA B 19 2.06 34.44 -2.48
CA ALA B 19 3.38 34.63 -3.05
C ALA B 19 4.28 35.35 -2.06
N GLU B 20 3.74 36.37 -1.40
CA GLU B 20 4.45 37.13 -0.37
C GLU B 20 4.90 36.29 0.82
N VAL B 21 4.09 35.30 1.20
CA VAL B 21 4.47 34.34 2.24
C VAL B 21 5.59 33.46 1.71
N GLY B 22 5.50 33.10 0.42
CA GLY B 22 6.50 32.26 -0.24
C GLY B 22 7.83 32.97 -0.45
N LYS B 23 7.77 34.30 -0.54
CA LYS B 23 8.95 35.14 -0.60
C LYS B 23 9.69 35.04 0.73
N LYS B 24 8.95 35.28 1.82
CA LYS B 24 9.45 35.14 3.18
C LYS B 24 10.07 33.75 3.44
N PHE B 25 9.45 32.71 2.91
CA PHE B 25 9.98 31.34 3.03
C PHE B 25 11.31 31.17 2.30
N GLU B 26 11.45 31.84 1.17
CA GLU B 26 12.68 31.78 0.36
C GLU B 26 13.84 32.53 1.02
N LYS B 27 13.52 33.62 1.74
CA LYS B 27 14.54 34.41 2.43
C LYS B 27 15.03 33.72 3.70
N ASP B 28 14.24 32.78 4.22
CA ASP B 28 14.52 32.18 5.52
C ASP B 28 15.10 30.78 5.43
N THR B 29 14.90 30.12 4.29
CA THR B 29 15.35 28.75 4.12
C THR B 29 16.11 28.58 2.80
N GLY B 30 16.13 29.65 2.00
CA GLY B 30 16.80 29.64 0.69
C GLY B 30 16.15 28.73 -0.33
N ILE B 31 14.82 28.67 -0.31
CA ILE B 31 14.05 27.73 -1.13
C ILE B 31 13.03 28.46 -1.97
N LYS B 32 13.05 28.24 -3.28
CA LYS B 32 12.18 29.00 -4.19
C LYS B 32 10.73 28.52 -4.15
N VAL B 33 9.82 29.48 -3.96
CA VAL B 33 8.38 29.17 -3.91
C VAL B 33 7.62 29.81 -5.08
N THR B 34 7.01 28.96 -5.88
CA THR B 34 6.27 29.39 -7.05
C THR B 34 4.78 29.22 -6.83
N VAL B 35 4.06 30.33 -6.85
CA VAL B 35 2.60 30.30 -6.71
C VAL B 35 1.95 30.46 -8.10
N GLU B 36 1.17 29.46 -8.51
CA GLU B 36 0.52 29.46 -9.81
C GLU B 36 -1.00 29.31 -9.71
N HIS B 37 -1.73 29.96 -10.62
CA HIS B 37 -3.19 29.90 -10.61
C HIS B 37 -3.79 29.48 -11.95
N PRO B 38 -3.74 28.17 -12.27
CA PRO B 38 -4.22 27.65 -13.54
C PRO B 38 -5.74 27.60 -13.64
N ASP B 39 -6.27 27.83 -14.84
CA ASP B 39 -7.69 27.59 -15.13
C ASP B 39 -8.06 26.16 -14.77
N LYS B 40 -9.23 25.98 -14.16
CA LYS B 40 -9.77 24.66 -13.88
C LYS B 40 -8.77 23.71 -13.18
N LEU B 41 -8.03 24.23 -12.20
CA LEU B 41 -6.99 23.42 -11.56
C LEU B 41 -7.53 22.18 -10.85
N GLU B 42 -8.82 22.23 -10.48
CA GLU B 42 -9.46 21.14 -9.75
C GLU B 42 -9.66 19.90 -10.59
N GLU B 43 -9.66 20.07 -11.92
CA GLU B 43 -9.74 18.94 -12.83
C GLU B 43 -8.42 18.72 -13.57
N LYS B 44 -7.58 19.74 -13.53
CA LYS B 44 -6.20 19.62 -14.00
C LYS B 44 -5.41 18.67 -13.10
N PHE B 45 -5.59 18.80 -11.79
CA PHE B 45 -4.76 18.12 -10.78
C PHE B 45 -4.63 16.60 -10.94
N PRO B 46 -5.75 15.86 -10.90
CA PRO B 46 -5.60 14.40 -10.87
C PRO B 46 -4.75 13.81 -12.02
N GLN B 47 -4.83 14.39 -13.21
CA GLN B 47 -4.05 13.90 -14.35
C GLN B 47 -2.58 14.28 -14.26
N VAL B 48 -2.28 15.54 -13.97
CA VAL B 48 -0.90 16.02 -14.00
C VAL B 48 -0.10 15.79 -12.71
N ALA B 49 -0.79 15.66 -11.58
CA ALA B 49 -0.16 15.62 -10.27
C ALA B 49 0.99 14.62 -10.20
N ALA B 50 0.79 13.46 -10.82
CA ALA B 50 1.76 12.37 -10.73
C ALA B 50 2.78 12.43 -11.84
N THR B 51 3.01 13.61 -12.42
CA THR B 51 3.90 13.72 -13.59
C THR B 51 5.03 14.72 -13.39
N GLY B 52 5.15 15.26 -12.19
CA GLY B 52 6.15 16.30 -11.95
C GLY B 52 5.91 17.53 -12.82
N ASP B 53 4.67 17.69 -13.27
CA ASP B 53 4.17 18.98 -13.75
C ASP B 53 3.15 19.46 -12.74
N GLY B 54 2.71 18.52 -11.91
CA GLY B 54 1.81 18.81 -10.80
C GLY B 54 2.52 19.60 -9.73
N PRO B 55 1.76 20.23 -8.82
CA PRO B 55 2.37 21.06 -7.81
C PRO B 55 2.85 20.22 -6.62
N ASP B 56 3.47 20.89 -5.65
CA ASP B 56 3.81 20.26 -4.38
C ASP B 56 2.62 20.35 -3.44
N ILE B 57 1.92 21.47 -3.50
CA ILE B 57 0.82 21.77 -2.61
C ILE B 57 -0.33 22.26 -3.46
N ILE B 58 -1.52 21.70 -3.25
CA ILE B 58 -2.73 22.19 -3.91
C ILE B 58 -3.74 22.79 -2.94
N PHE B 59 -4.27 23.95 -3.31
CA PHE B 59 -5.34 24.59 -2.56
C PHE B 59 -6.67 24.44 -3.28
N TRP B 60 -7.66 23.88 -2.60
CA TRP B 60 -9.05 23.88 -3.07
C TRP B 60 -9.95 23.59 -1.88
N ALA B 61 -11.26 23.68 -2.06
CA ALA B 61 -12.24 23.35 -1.02
C ALA B 61 -12.22 21.85 -0.79
N HIS B 62 -12.58 21.46 0.42
CA HIS B 62 -12.38 20.08 0.89
C HIS B 62 -13.10 18.98 0.10
N ASP B 63 -14.06 19.35 -0.74
CA ASP B 63 -14.91 18.35 -1.41
C ASP B 63 -14.20 17.50 -2.48
N ARG B 64 -13.26 18.13 -3.20
CA ARG B 64 -12.54 17.45 -4.26
C ARG B 64 -11.51 16.48 -3.75
N PHE B 65 -11.21 16.58 -2.45
CA PHE B 65 -10.11 15.87 -1.82
C PHE B 65 -10.42 14.40 -1.53
N GLY B 66 -11.69 14.07 -1.38
CA GLY B 66 -12.05 12.67 -1.22
C GLY B 66 -11.62 11.90 -2.44
N GLY B 67 -11.97 12.42 -3.60
CA GLY B 67 -11.57 11.83 -4.87
C GLY B 67 -10.07 11.79 -5.04
N TYR B 68 -9.38 12.87 -4.69
CA TYR B 68 -7.92 12.90 -4.85
C TYR B 68 -7.28 11.84 -3.99
N ALA B 69 -7.75 11.72 -2.74
CA ALA B 69 -7.13 10.82 -1.79
C ALA B 69 -7.31 9.39 -2.26
N GLN B 70 -8.52 9.08 -2.69
CA GLN B 70 -8.90 7.79 -3.19
C GLN B 70 -8.20 7.49 -4.51
N SER B 71 -7.64 8.52 -5.14
CA SER B 71 -6.77 8.33 -6.30
C SER B 71 -5.32 8.12 -5.89
N GLY B 72 -5.05 8.20 -4.59
CA GLY B 72 -3.71 8.09 -4.06
C GLY B 72 -2.82 9.20 -4.57
N LEU B 73 -3.34 10.42 -4.56
CA LEU B 73 -2.62 11.59 -5.06
C LEU B 73 -2.16 12.50 -3.95
N LEU B 74 -2.76 12.35 -2.77
CA LEU B 74 -2.37 13.17 -1.63
C LEU B 74 -1.56 12.35 -0.65
N ALA B 75 -0.52 12.97 -0.10
CA ALA B 75 0.20 12.44 1.04
C ALA B 75 -0.65 12.69 2.26
N GLU B 76 -0.65 11.79 3.23
CA GLU B 76 -1.36 12.07 4.49
C GLU B 76 -0.54 13.01 5.36
N ILE B 77 -1.20 13.98 5.95
CA ILE B 77 -0.51 14.98 6.73
C ILE B 77 -0.38 14.55 8.21
N THR B 78 0.77 14.81 8.82
CA THR B 78 1.06 14.32 10.19
C THR B 78 1.45 15.42 11.17
N PRO B 79 0.50 16.31 11.52
CA PRO B 79 0.86 17.39 12.43
C PRO B 79 0.81 16.91 13.88
N ASP B 80 1.73 17.41 14.71
CA ASP B 80 1.78 17.08 16.14
C ASP B 80 0.65 17.75 16.93
N LYS B 81 0.35 17.22 18.12
CA LYS B 81 -0.74 17.75 18.94
C LYS B 81 -0.61 19.26 19.10
N ALA B 82 0.59 19.71 19.44
CA ALA B 82 0.90 21.14 19.59
C ALA B 82 0.35 22.01 18.44
N PHE B 83 0.52 21.55 17.21
CA PHE B 83 0.01 22.31 16.07
C PHE B 83 -1.50 22.18 15.89
N GLN B 84 -2.00 20.98 16.12
CA GLN B 84 -3.43 20.70 15.96
C GLN B 84 -4.30 21.59 16.83
N ASP B 85 -3.77 22.00 17.97
CA ASP B 85 -4.53 22.78 18.92
C ASP B 85 -4.64 24.24 18.50
N LYS B 86 -3.98 24.57 17.40
CA LYS B 86 -3.96 25.92 16.87
C LYS B 86 -5.13 26.20 15.94
N LEU B 87 -5.76 25.12 15.48
CA LEU B 87 -6.90 25.22 14.56
C LEU B 87 -8.15 24.62 15.17
N TYR B 88 -9.28 25.26 14.88
CA TYR B 88 -10.58 24.77 15.32
C TYR B 88 -10.82 23.30 14.93
N PRO B 89 -11.37 22.49 15.83
CA PRO B 89 -11.47 21.07 15.56
C PRO B 89 -12.44 20.72 14.43
N PHE B 90 -13.42 21.58 14.16
CA PHE B 90 -14.38 21.27 13.10
C PHE B 90 -13.80 21.46 11.69
N THR B 91 -12.82 22.36 11.56
CA THR B 91 -12.07 22.49 10.32
C THR B 91 -11.26 21.22 10.09
N TRP B 92 -10.62 20.71 11.15
CA TRP B 92 -9.95 19.41 11.10
C TRP B 92 -10.90 18.29 10.64
N ASP B 93 -12.12 18.29 11.19
CA ASP B 93 -13.16 17.36 10.78
C ASP B 93 -13.31 17.31 9.28
N ALA B 94 -13.26 18.47 8.64
CA ALA B 94 -13.57 18.61 7.21
C ALA B 94 -12.48 18.08 6.29
N VAL B 95 -11.24 18.11 6.75
CA VAL B 95 -10.12 17.59 5.96
C VAL B 95 -9.77 16.15 6.35
N ARG B 96 -10.73 15.49 7.00
CA ARG B 96 -10.59 14.13 7.46
C ARG B 96 -11.42 13.25 6.53
N TYR B 97 -10.79 12.21 5.98
CA TYR B 97 -11.44 11.30 5.03
C TYR B 97 -10.96 9.89 5.30
N ASN B 98 -11.91 8.96 5.44
CA ASN B 98 -11.60 7.55 5.76
C ASN B 98 -10.69 7.39 6.96
N GLY B 99 -10.84 8.26 7.95
CA GLY B 99 -9.97 8.24 9.11
C GLY B 99 -8.55 8.73 8.90
N LYS B 100 -8.23 9.25 7.72
CA LYS B 100 -6.95 9.92 7.47
C LYS B 100 -7.13 11.43 7.42
N LEU B 101 -6.12 12.17 7.87
CA LEU B 101 -6.05 13.58 7.55
C LEU B 101 -5.37 13.76 6.20
N ILE B 102 -6.04 14.43 5.28
CA ILE B 102 -5.54 14.52 3.91
C ILE B 102 -5.12 15.94 3.50
N ALA B 103 -5.51 16.94 4.28
CA ALA B 103 -5.13 18.31 4.01
C ALA B 103 -4.97 19.13 5.27
N TYR B 104 -4.59 20.40 5.11
CA TYR B 104 -4.59 21.38 6.17
C TYR B 104 -5.76 22.31 5.96
N PRO B 105 -6.64 22.48 6.98
CA PRO B 105 -7.74 23.42 6.77
C PRO B 105 -7.23 24.84 6.85
N ILE B 106 -7.68 25.68 5.92
CA ILE B 106 -7.19 27.06 5.82
C ILE B 106 -8.22 28.04 6.33
N ALA B 107 -9.36 28.11 5.64
CA ALA B 107 -10.44 29.03 6.00
C ALA B 107 -11.78 28.40 5.65
N VAL B 108 -12.85 28.96 6.21
CA VAL B 108 -14.21 28.48 5.96
C VAL B 108 -15.00 29.47 5.10
N GLU B 109 -15.40 29.02 3.92
CA GLU B 109 -16.12 29.86 2.94
C GLU B 109 -17.61 29.56 2.95
N ALA B 110 -18.41 30.60 2.76
CA ALA B 110 -19.85 30.48 2.59
C ALA B 110 -20.35 31.65 1.76
N LEU B 111 -21.21 31.36 0.79
CA LEU B 111 -21.86 32.39 0.00
C LEU B 111 -22.75 33.24 0.89
N SER B 112 -22.77 34.53 0.60
CA SER B 112 -23.59 35.49 1.29
C SER B 112 -24.28 36.40 0.28
N LEU B 113 -25.20 37.23 0.76
CA LEU B 113 -25.85 38.23 -0.08
C LEU B 113 -25.14 39.56 0.09
N ILE B 114 -24.56 40.06 -1.00
CA ILE B 114 -23.94 41.38 -1.02
C ILE B 114 -24.86 42.35 -1.74
N TYR B 115 -25.23 43.42 -1.06
CA TYR B 115 -26.13 44.43 -1.62
C TYR B 115 -25.49 45.82 -1.67
N ASN B 116 -25.85 46.57 -2.70
CA ASN B 116 -25.49 47.97 -2.78
C ASN B 116 -26.39 48.76 -1.83
N LYS B 117 -25.81 49.22 -0.72
CA LYS B 117 -26.55 49.99 0.30
C LYS B 117 -27.21 51.24 -0.26
N ASP B 118 -26.54 51.88 -1.20
CA ASP B 118 -27.04 53.11 -1.77
C ASP B 118 -28.18 52.87 -2.77
N LEU B 119 -28.11 51.77 -3.52
CA LEU B 119 -29.17 51.43 -4.45
C LEU B 119 -30.33 50.72 -3.75
N LEU B 120 -30.06 50.24 -2.53
CA LEU B 120 -31.00 49.43 -1.76
C LEU B 120 -30.60 49.43 -0.29
N PRO B 121 -31.15 50.37 0.50
CA PRO B 121 -30.84 50.47 1.93
C PRO B 121 -31.28 49.25 2.75
N ASN B 122 -32.30 48.52 2.29
CA ASN B 122 -32.78 47.32 2.98
C ASN B 122 -32.85 46.09 2.06
N PRO B 123 -31.93 45.13 2.26
CA PRO B 123 -31.92 43.90 1.50
C PRO B 123 -33.19 43.07 1.75
N PRO B 124 -33.76 42.45 0.70
CA PRO B 124 -35.01 41.70 0.82
C PRO B 124 -34.83 40.40 1.62
N LYS B 125 -35.72 40.18 2.58
CA LYS B 125 -35.68 39.00 3.45
C LYS B 125 -36.04 37.70 2.71
N THR B 126 -36.81 37.83 1.62
CA THR B 126 -37.23 36.66 0.84
C THR B 126 -36.84 36.72 -0.63
N TRP B 127 -36.71 35.54 -1.25
CA TRP B 127 -36.50 35.38 -2.68
C TRP B 127 -37.74 35.80 -3.50
N GLU B 128 -38.92 35.61 -2.91
CA GLU B 128 -40.21 35.86 -3.55
C GLU B 128 -40.42 37.31 -3.94
N GLU B 129 -39.86 38.22 -3.15
CA GLU B 129 -40.07 39.65 -3.36
C GLU B 129 -39.03 40.31 -4.29
N ILE B 130 -38.07 39.52 -4.79
CA ILE B 130 -37.05 40.04 -5.70
C ILE B 130 -37.61 40.47 -7.07
N PRO B 131 -38.49 39.65 -7.69
CA PRO B 131 -39.15 40.03 -8.95
C PRO B 131 -39.75 41.44 -8.93
N ALA B 132 -40.48 41.77 -7.85
CA ALA B 132 -41.09 43.09 -7.66
C ALA B 132 -40.05 44.20 -7.56
N LEU B 133 -38.96 43.93 -6.83
CA LEU B 133 -37.86 44.87 -6.63
C LEU B 133 -37.06 45.11 -7.90
N ASP B 134 -36.90 44.07 -8.73
CA ASP B 134 -36.17 44.16 -10.00
C ASP B 134 -36.94 44.98 -11.02
N LYS B 135 -38.24 44.70 -11.11
CA LYS B 135 -39.16 45.42 -12.00
C LYS B 135 -39.19 46.92 -11.67
N GLU B 136 -38.86 47.24 -10.42
CA GLU B 136 -38.76 48.62 -9.96
C GLU B 136 -37.41 49.25 -10.36
N LEU B 137 -36.33 48.50 -10.20
CA LEU B 137 -34.98 48.98 -10.54
C LEU B 137 -34.74 49.08 -12.05
N LYS B 138 -35.36 48.18 -12.82
CA LYS B 138 -35.28 48.22 -14.29
C LYS B 138 -35.74 49.57 -14.82
N ALA B 139 -36.76 50.13 -14.16
CA ALA B 139 -37.27 51.48 -14.47
C ALA B 139 -36.22 52.56 -14.22
N LYS B 140 -35.29 52.28 -13.31
CA LYS B 140 -34.19 53.19 -13.00
C LYS B 140 -32.89 52.81 -13.72
N GLY B 141 -33.03 51.97 -14.75
CA GLY B 141 -31.91 51.55 -15.60
C GLY B 141 -30.96 50.58 -14.93
N LYS B 142 -31.46 49.83 -13.96
CA LYS B 142 -30.65 48.92 -13.17
C LYS B 142 -31.24 47.50 -13.14
N SER B 143 -30.55 46.60 -12.44
CA SER B 143 -31.10 45.28 -12.15
C SER B 143 -30.98 45.00 -10.64
N ALA B 144 -31.86 44.16 -10.11
CA ALA B 144 -31.86 43.86 -8.68
C ALA B 144 -30.75 42.87 -8.29
N LEU B 145 -30.65 41.75 -9.01
CA LEU B 145 -29.70 40.70 -8.65
C LEU B 145 -28.99 40.05 -9.85
N MET B 146 -27.66 39.92 -9.75
CA MET B 146 -26.85 39.28 -10.78
C MET B 146 -25.75 38.44 -10.16
N PHE B 147 -25.73 37.15 -10.49
CA PHE B 147 -24.72 36.23 -9.96
C PHE B 147 -24.44 35.03 -10.87
N ASN B 148 -23.25 34.47 -10.72
CA ASN B 148 -22.79 33.35 -11.54
C ASN B 148 -23.81 32.21 -11.59
N LEU B 149 -24.48 32.07 -12.72
CA LEU B 149 -25.44 30.98 -12.93
C LEU B 149 -24.80 29.76 -13.55
N GLN B 150 -23.64 29.94 -14.19
CA GLN B 150 -22.91 28.84 -14.84
C GLN B 150 -22.43 27.76 -13.85
N GLU B 151 -22.05 28.18 -12.66
CA GLU B 151 -21.55 27.27 -11.64
C GLU B 151 -22.66 26.83 -10.68
N PRO B 152 -22.80 25.51 -10.50
CA PRO B 152 -23.81 24.97 -9.58
C PRO B 152 -23.64 25.45 -8.14
N TYR B 153 -22.44 25.91 -7.80
CA TYR B 153 -22.13 26.34 -6.43
C TYR B 153 -22.98 27.50 -5.99
N PHE B 154 -23.27 28.42 -6.91
CA PHE B 154 -23.98 29.66 -6.60
C PHE B 154 -25.50 29.53 -6.63
N THR B 155 -26.01 28.61 -7.46
CA THR B 155 -27.45 28.42 -7.57
C THR B 155 -27.99 27.46 -6.51
N TRP B 156 -27.10 26.64 -5.94
CA TRP B 156 -27.47 25.64 -4.93
C TRP B 156 -28.20 26.20 -3.69
N PRO B 157 -27.73 27.33 -3.11
CA PRO B 157 -28.44 27.91 -1.96
C PRO B 157 -29.97 27.98 -2.17
N LEU B 158 -30.42 28.33 -3.37
CA LEU B 158 -31.84 28.37 -3.69
C LEU B 158 -32.42 26.97 -3.90
N ILE B 159 -31.68 26.13 -4.62
CA ILE B 159 -32.12 24.76 -4.94
C ILE B 159 -32.18 23.84 -3.72
N ALA B 160 -31.47 24.22 -2.66
CA ALA B 160 -31.44 23.46 -1.42
C ALA B 160 -32.32 24.05 -0.32
N ALA B 161 -33.01 25.15 -0.61
CA ALA B 161 -33.73 25.92 0.41
C ALA B 161 -34.97 25.21 0.93
N ASP B 162 -35.82 24.75 0.01
CA ASP B 162 -37.10 24.14 0.35
C ASP B 162 -37.04 22.61 0.57
N GLY B 163 -35.87 22.00 0.37
CA GLY B 163 -35.72 20.58 0.66
C GLY B 163 -34.68 19.79 -0.12
N GLY B 164 -33.85 20.47 -0.91
CA GLY B 164 -32.79 19.80 -1.66
C GLY B 164 -31.56 19.44 -0.82
N TYR B 165 -30.82 18.42 -1.26
CA TYR B 165 -29.57 18.03 -0.59
C TYR B 165 -28.72 17.16 -1.51
N ALA B 166 -27.40 17.25 -1.37
CA ALA B 166 -26.47 16.42 -2.15
C ALA B 166 -26.61 14.94 -1.79
N PHE B 167 -25.98 14.52 -0.69
CA PHE B 167 -26.12 13.14 -0.25
C PHE B 167 -26.62 13.10 1.18
N LYS B 168 -27.54 12.18 1.46
CA LYS B 168 -28.07 12.00 2.82
C LYS B 168 -26.99 11.47 3.75
N TYR B 169 -26.78 12.18 4.86
CA TYR B 169 -25.90 11.70 5.92
C TYR B 169 -26.76 10.89 6.87
N GLU B 170 -26.21 9.81 7.39
CA GLU B 170 -26.88 8.98 8.37
C GLU B 170 -25.82 8.20 9.11
N ASN B 171 -25.97 8.06 10.42
CA ASN B 171 -25.05 7.25 11.22
C ASN B 171 -23.58 7.40 10.83
N GLY B 172 -23.15 8.64 10.57
CA GLY B 172 -21.75 8.91 10.29
C GLY B 172 -21.19 8.39 8.98
N LYS B 173 -22.01 8.38 7.93
CA LYS B 173 -21.52 8.24 6.54
C LYS B 173 -22.54 8.70 5.50
N TYR B 174 -22.08 8.95 4.28
CA TYR B 174 -22.96 9.42 3.22
C TYR B 174 -23.53 8.26 2.43
N ASP B 175 -24.80 8.36 2.06
CA ASP B 175 -25.44 7.38 1.20
C ASP B 175 -25.28 7.87 -0.23
N ILE B 176 -24.40 7.22 -1.00
CA ILE B 176 -24.14 7.65 -2.38
C ILE B 176 -25.34 7.38 -3.28
N LYS B 177 -26.22 6.50 -2.82
CA LYS B 177 -27.40 6.09 -3.57
C LYS B 177 -28.54 7.09 -3.38
N ASP B 178 -28.60 7.70 -2.20
CA ASP B 178 -29.67 8.67 -1.83
C ASP B 178 -29.27 10.10 -2.18
N VAL B 179 -29.96 10.67 -3.17
CA VAL B 179 -29.70 12.04 -3.58
C VAL B 179 -30.97 12.86 -3.62
N GLY B 180 -30.91 14.05 -3.05
CA GLY B 180 -32.08 14.93 -2.93
C GLY B 180 -32.07 16.05 -3.95
N VAL B 181 -31.66 15.69 -5.16
CA VAL B 181 -31.57 16.63 -6.26
C VAL B 181 -32.92 16.80 -6.97
N ASP B 182 -33.75 15.76 -6.93
CA ASP B 182 -35.03 15.83 -7.64
C ASP B 182 -36.28 15.62 -6.77
N ASN B 183 -36.19 15.99 -5.49
CA ASN B 183 -37.38 16.02 -4.63
C ASN B 183 -38.25 17.26 -4.90
N ALA B 184 -39.41 17.30 -4.24
CA ALA B 184 -40.35 18.43 -4.37
C ALA B 184 -39.69 19.80 -4.16
N GLY B 185 -38.89 19.92 -3.10
CA GLY B 185 -38.27 21.20 -2.71
C GLY B 185 -37.24 21.74 -3.70
N ALA B 186 -36.49 20.84 -4.32
CA ALA B 186 -35.44 21.21 -5.28
C ALA B 186 -36.08 21.74 -6.57
N LYS B 187 -37.15 21.09 -7.00
CA LYS B 187 -37.92 21.55 -8.15
C LYS B 187 -38.46 22.95 -7.91
N ALA B 188 -38.99 23.18 -6.70
CA ALA B 188 -39.49 24.50 -6.30
C ALA B 188 -38.41 25.57 -6.42
N GLY B 189 -37.19 25.22 -6.04
CA GLY B 189 -36.05 26.12 -6.09
C GLY B 189 -35.58 26.42 -7.51
N LEU B 190 -35.49 25.37 -8.33
CA LEU B 190 -35.08 25.54 -9.72
C LEU B 190 -36.18 26.16 -10.60
N THR B 191 -37.43 25.76 -10.37
CA THR B 191 -38.57 26.38 -11.06
C THR B 191 -38.56 27.88 -10.82
N PHE B 192 -38.37 28.29 -9.57
CA PHE B 192 -38.33 29.70 -9.23
C PHE B 192 -37.18 30.44 -9.92
N LEU B 193 -36.01 29.81 -9.94
CA LEU B 193 -34.84 30.38 -10.62
C LEU B 193 -35.07 30.52 -12.11
N VAL B 194 -35.61 29.47 -12.74
CA VAL B 194 -35.93 29.49 -14.17
C VAL B 194 -36.94 30.59 -14.50
N ASP B 195 -37.91 30.81 -13.60
CA ASP B 195 -38.89 31.88 -13.78
C ASP B 195 -38.25 33.27 -13.81
N LEU B 196 -37.18 33.45 -13.04
CA LEU B 196 -36.42 34.71 -13.02
C LEU B 196 -35.80 34.99 -14.38
N ILE B 197 -35.32 33.93 -15.03
CA ILE B 197 -34.79 34.00 -16.39
C ILE B 197 -35.93 34.25 -17.38
N LYS B 198 -37.00 33.46 -17.25
CA LYS B 198 -38.20 33.58 -18.08
C LYS B 198 -38.72 35.02 -18.12
N ASN B 199 -38.95 35.59 -16.94
CA ASN B 199 -39.52 36.93 -16.82
C ASN B 199 -38.52 38.07 -16.98
N LYS B 200 -37.37 37.76 -17.59
CA LYS B 200 -36.36 38.78 -17.94
C LYS B 200 -35.71 39.47 -16.74
N HIS B 201 -35.81 38.86 -15.56
CA HIS B 201 -35.23 39.44 -14.35
C HIS B 201 -33.72 39.23 -14.32
N MET B 202 -33.29 38.06 -14.79
CA MET B 202 -31.87 37.76 -14.94
C MET B 202 -31.62 37.21 -16.34
N ASN B 203 -30.34 37.22 -16.72
CA ASN B 203 -29.91 36.60 -17.96
C ASN B 203 -29.34 35.22 -17.65
N ALA B 204 -29.65 34.24 -18.48
CA ALA B 204 -29.12 32.87 -18.34
C ALA B 204 -27.60 32.80 -18.52
N ASP B 205 -27.07 33.72 -19.33
CA ASP B 205 -25.66 33.75 -19.69
C ASP B 205 -24.71 34.26 -18.61
N THR B 206 -25.25 34.92 -17.59
CA THR B 206 -24.45 35.56 -16.55
C THR B 206 -23.44 34.61 -15.89
N ASP B 207 -22.16 34.81 -16.21
CA ASP B 207 -21.06 34.08 -15.57
C ASP B 207 -20.41 34.95 -14.48
N TYR B 208 -19.34 34.43 -13.85
CA TYR B 208 -18.71 35.10 -12.71
C TYR B 208 -18.28 36.55 -12.96
N SER B 209 -17.52 36.78 -14.05
CA SER B 209 -16.96 38.10 -14.35
C SER B 209 -17.99 39.13 -14.83
N ILE B 210 -19.02 38.63 -15.52
CA ILE B 210 -20.14 39.47 -15.96
C ILE B 210 -20.88 40.05 -14.75
N ALA B 211 -21.15 39.19 -13.76
CA ALA B 211 -21.95 39.55 -12.59
C ALA B 211 -21.20 40.36 -11.53
N GLU B 212 -19.87 40.22 -11.49
CA GLU B 212 -19.07 40.98 -10.54
C GLU B 212 -18.81 42.40 -11.04
N ALA B 213 -18.36 42.52 -12.28
CA ALA B 213 -18.12 43.82 -12.92
C ALA B 213 -19.44 44.57 -13.06
N ALA B 214 -20.55 43.84 -13.11
CA ALA B 214 -21.88 44.43 -13.05
C ALA B 214 -22.13 45.07 -11.69
N PHE B 215 -21.78 44.36 -10.61
CA PHE B 215 -21.96 44.88 -9.26
C PHE B 215 -20.99 46.00 -8.92
N ASN B 216 -19.74 45.86 -9.37
CA ASN B 216 -18.68 46.80 -9.06
C ASN B 216 -18.87 48.18 -9.72
N LYS B 217 -19.43 48.17 -10.93
CA LYS B 217 -19.71 49.40 -11.67
C LYS B 217 -21.09 49.97 -11.33
N GLY B 218 -21.67 49.46 -10.24
CA GLY B 218 -22.96 49.93 -9.73
C GLY B 218 -24.16 49.62 -10.60
N GLU B 219 -24.03 48.64 -11.49
CA GLU B 219 -25.09 48.31 -12.44
C GLU B 219 -26.15 47.33 -11.89
N THR B 220 -25.82 46.64 -10.80
CA THR B 220 -26.79 45.79 -10.11
C THR B 220 -26.84 46.07 -8.60
N ALA B 221 -28.02 45.83 -8.01
CA ALA B 221 -28.25 46.11 -6.59
C ALA B 221 -27.67 45.01 -5.70
N MET B 222 -27.78 43.76 -6.13
CA MET B 222 -27.39 42.59 -5.31
C MET B 222 -26.59 41.53 -6.07
N THR B 223 -25.61 40.95 -5.39
CA THR B 223 -24.87 39.81 -5.92
C THR B 223 -24.78 38.70 -4.86
N ILE B 224 -24.55 37.48 -5.32
CA ILE B 224 -24.27 36.37 -4.42
C ILE B 224 -22.83 35.93 -4.69
N ASN B 225 -21.97 36.12 -3.70
CA ASN B 225 -20.55 35.80 -3.84
C ASN B 225 -19.94 35.50 -2.49
N GLY B 226 -18.72 34.96 -2.51
CA GLY B 226 -18.03 34.60 -1.28
C GLY B 226 -17.03 35.65 -0.82
N PRO B 227 -16.44 35.46 0.38
CA PRO B 227 -15.47 36.35 0.99
C PRO B 227 -14.41 36.90 0.04
N TRP B 228 -13.83 36.02 -0.78
CA TRP B 228 -12.78 36.40 -1.72
C TRP B 228 -13.12 37.61 -2.55
N ALA B 229 -14.40 37.80 -2.84
CA ALA B 229 -14.85 38.84 -3.77
C ALA B 229 -14.93 40.25 -3.18
N TRP B 230 -14.68 40.36 -1.88
CA TRP B 230 -14.84 41.62 -1.16
C TRP B 230 -13.79 42.66 -1.56
N SER B 231 -12.56 42.21 -1.82
CA SER B 231 -11.45 43.10 -2.17
C SER B 231 -11.71 44.00 -3.38
N ASN B 232 -12.44 43.46 -4.36
CA ASN B 232 -12.75 44.18 -5.58
C ASN B 232 -13.84 45.24 -5.41
N ILE B 233 -14.79 44.97 -4.51
CA ILE B 233 -15.86 45.90 -4.20
C ILE B 233 -15.31 47.13 -3.48
N ASP B 234 -14.28 46.89 -2.67
CA ASP B 234 -13.57 47.96 -1.94
C ASP B 234 -12.76 48.86 -2.87
N THR B 235 -12.15 48.25 -3.89
CA THR B 235 -11.42 48.99 -4.92
C THR B 235 -12.37 49.83 -5.76
N SER B 236 -13.52 49.24 -6.10
CA SER B 236 -14.54 49.92 -6.90
C SER B 236 -15.33 50.96 -6.11
N LYS B 237 -15.08 51.01 -4.80
CA LYS B 237 -15.68 51.98 -3.87
C LYS B 237 -17.21 52.04 -3.93
N VAL B 238 -17.81 50.85 -3.84
CA VAL B 238 -19.25 50.70 -3.73
C VAL B 238 -19.60 50.50 -2.26
N ASN B 239 -20.50 51.32 -1.75
CA ASN B 239 -21.00 51.18 -0.38
C ASN B 239 -21.86 49.92 -0.27
N TYR B 240 -21.26 48.87 0.30
CA TYR B 240 -21.90 47.56 0.33
C TYR B 240 -22.03 47.00 1.73
N GLY B 241 -23.04 46.17 1.93
CA GLY B 241 -23.21 45.39 3.14
C GLY B 241 -23.26 43.91 2.78
N VAL B 242 -22.80 43.06 3.70
CA VAL B 242 -22.87 41.61 3.50
C VAL B 242 -23.88 41.04 4.49
N THR B 243 -24.86 40.33 3.97
CA THR B 243 -26.00 39.90 4.79
C THR B 243 -26.43 38.44 4.53
N VAL B 244 -27.19 37.88 5.47
CA VAL B 244 -27.78 36.54 5.33
C VAL B 244 -28.62 36.48 4.04
N LEU B 245 -28.53 35.37 3.32
CA LEU B 245 -29.26 35.20 2.07
C LEU B 245 -30.78 35.24 2.29
N PRO B 246 -31.56 35.57 1.24
CA PRO B 246 -33.01 35.64 1.36
C PRO B 246 -33.63 34.27 1.64
N THR B 247 -34.70 34.24 2.41
CA THR B 247 -35.42 32.98 2.65
C THR B 247 -36.21 32.62 1.40
N PHE B 248 -36.36 31.33 1.14
CA PHE B 248 -37.27 30.85 0.10
C PHE B 248 -38.32 29.95 0.70
N LYS B 249 -39.58 30.29 0.46
CA LYS B 249 -40.72 29.58 1.03
C LYS B 249 -40.65 29.51 2.56
N GLY B 250 -40.18 30.60 3.17
CA GLY B 250 -40.03 30.66 4.63
C GLY B 250 -38.92 29.80 5.19
N GLN B 251 -38.15 29.22 4.29
CA GLN B 251 -37.01 28.39 4.63
C GLN B 251 -35.73 29.11 4.25
N PRO B 252 -34.72 29.11 5.13
CA PRO B 252 -33.45 29.74 4.75
C PRO B 252 -32.75 29.05 3.57
N SER B 253 -32.07 29.85 2.74
CA SER B 253 -31.22 29.32 1.69
C SER B 253 -30.08 28.54 2.33
N LYS B 254 -29.72 27.42 1.71
CA LYS B 254 -28.75 26.49 2.30
C LYS B 254 -27.48 26.38 1.47
N PRO B 255 -26.54 27.34 1.62
CA PRO B 255 -25.31 27.31 0.83
C PRO B 255 -24.40 26.18 1.24
N PHE B 256 -23.61 25.67 0.31
CA PHE B 256 -22.58 24.68 0.64
C PHE B 256 -21.44 25.33 1.38
N VAL B 257 -20.95 24.66 2.42
CA VAL B 257 -19.85 25.20 3.21
C VAL B 257 -18.54 24.58 2.72
N GLY B 258 -17.65 25.44 2.25
CA GLY B 258 -16.33 25.04 1.80
C GLY B 258 -15.28 25.34 2.85
N VAL B 259 -14.48 24.34 3.18
CA VAL B 259 -13.29 24.56 3.98
C VAL B 259 -12.11 24.50 3.01
N LEU B 260 -11.56 25.66 2.68
CA LEU B 260 -10.38 25.74 1.85
C LEU B 260 -9.28 24.95 2.54
N SER B 261 -8.69 24.03 1.79
CA SER B 261 -7.70 23.15 2.34
C SER B 261 -6.46 23.18 1.49
N ALA B 262 -5.33 22.84 2.10
CA ALA B 262 -4.09 22.70 1.38
C ALA B 262 -3.62 21.27 1.48
N GLY B 263 -3.51 20.61 0.33
CA GLY B 263 -3.04 19.22 0.28
C GLY B 263 -1.64 19.12 -0.27
N ILE B 264 -0.93 18.05 0.09
CA ILE B 264 0.44 17.84 -0.33
C ILE B 264 0.51 16.66 -1.30
N ASN B 265 1.09 16.90 -2.47
CA ASN B 265 1.19 15.90 -3.52
C ASN B 265 1.98 14.66 -3.10
N ALA B 266 1.33 13.51 -3.17
CA ALA B 266 1.95 12.23 -2.80
C ALA B 266 3.19 11.95 -3.64
N ALA B 267 3.21 12.51 -4.85
CA ALA B 267 4.33 12.37 -5.77
C ALA B 267 5.47 13.35 -5.48
N SER B 268 5.19 14.42 -4.73
CA SER B 268 6.22 15.41 -4.42
C SER B 268 7.36 14.83 -3.58
N PRO B 269 8.62 15.12 -3.99
CA PRO B 269 9.78 14.76 -3.16
C PRO B 269 10.09 15.87 -2.14
N ASN B 270 9.16 16.83 -1.97
CA ASN B 270 9.37 17.99 -1.11
C ASN B 270 8.40 18.04 0.07
N LYS B 271 7.84 16.88 0.42
CA LYS B 271 6.83 16.72 1.48
C LYS B 271 7.20 17.43 2.78
N GLU B 272 8.43 17.24 3.23
CA GLU B 272 8.87 17.90 4.47
C GLU B 272 8.89 19.41 4.33
N LEU B 273 9.39 19.90 3.20
CA LEU B 273 9.41 21.35 2.90
C LEU B 273 7.98 21.90 2.73
N ALA B 274 7.06 21.04 2.30
CA ALA B 274 5.65 21.41 2.20
C ALA B 274 5.06 21.63 3.60
N LYS B 275 5.19 20.63 4.46
CA LYS B 275 4.71 20.69 5.84
C LYS B 275 5.30 21.91 6.57
N GLU B 276 6.62 22.08 6.44
CA GLU B 276 7.35 23.19 7.02
C GLU B 276 6.75 24.54 6.61
N PHE B 277 6.40 24.66 5.34
CA PHE B 277 5.85 25.91 4.80
C PHE B 277 4.44 26.16 5.30
N LEU B 278 3.64 25.11 5.33
CA LEU B 278 2.24 25.24 5.66
C LEU B 278 2.02 25.45 7.14
N GLU B 279 2.74 24.70 7.96
CA GLU B 279 2.60 24.79 9.40
C GLU B 279 3.19 26.07 9.98
N ASN B 280 4.39 26.42 9.52
CA ASN B 280 5.12 27.52 10.14
C ASN B 280 5.02 28.88 9.44
N TYR B 281 4.80 28.87 8.13
CA TYR B 281 4.77 30.13 7.38
C TYR B 281 3.38 30.60 6.96
N LEU B 282 2.51 29.66 6.59
CA LEU B 282 1.18 30.05 6.15
C LEU B 282 0.14 30.11 7.27
N LEU B 283 0.06 29.06 8.08
CA LEU B 283 -0.92 29.03 9.17
C LEU B 283 -0.43 29.74 10.43
N THR B 284 -0.17 31.04 10.27
CA THR B 284 0.31 31.93 11.33
C THR B 284 -0.33 33.30 11.15
N ASP B 285 -0.51 34.04 12.25
CA ASP B 285 -1.21 35.33 12.17
C ASP B 285 -0.70 36.20 11.02
N GLU B 286 0.60 36.16 10.79
CA GLU B 286 1.26 36.95 9.75
C GLU B 286 0.92 36.42 8.37
N GLY B 287 1.19 35.13 8.19
CA GLY B 287 0.97 34.42 6.93
C GLY B 287 -0.46 34.53 6.42
N LEU B 288 -1.42 34.35 7.32
CA LEU B 288 -2.83 34.43 6.95
C LEU B 288 -3.24 35.86 6.67
N GLU B 289 -2.64 36.81 7.37
CA GLU B 289 -2.90 38.21 7.13
C GLU B 289 -2.48 38.57 5.71
N ALA B 290 -1.30 38.11 5.30
CA ALA B 290 -0.77 38.36 3.96
C ALA B 290 -1.75 37.91 2.86
N VAL B 291 -2.26 36.69 2.99
CA VAL B 291 -3.26 36.17 2.06
C VAL B 291 -4.58 36.92 2.20
N ASN B 292 -5.00 37.13 3.46
CA ASN B 292 -6.25 37.81 3.77
C ASN B 292 -6.28 39.25 3.26
N LYS B 293 -5.13 39.92 3.28
CA LYS B 293 -5.00 41.28 2.76
C LYS B 293 -5.23 41.34 1.25
N ASP B 294 -4.80 40.29 0.55
CA ASP B 294 -4.93 40.21 -0.90
C ASP B 294 -6.37 39.93 -1.34
N LYS B 295 -6.95 38.84 -0.84
CA LYS B 295 -8.37 38.53 -0.97
C LYS B 295 -8.80 37.93 0.37
N PRO B 296 -9.99 38.33 0.89
CA PRO B 296 -10.44 37.80 2.17
C PRO B 296 -10.60 36.28 2.13
N LEU B 297 -10.17 35.62 3.19
CA LEU B 297 -10.18 34.16 3.24
C LEU B 297 -11.50 33.62 3.78
N GLY B 298 -12.21 34.46 4.52
CA GLY B 298 -13.41 34.02 5.23
C GLY B 298 -13.02 33.83 6.69
N ALA B 299 -13.70 32.90 7.35
CA ALA B 299 -13.35 32.57 8.74
C ALA B 299 -12.21 31.55 8.77
N VAL B 300 -11.01 32.05 9.11
CA VAL B 300 -9.79 31.25 9.11
C VAL B 300 -9.78 30.15 10.18
N ALA B 301 -9.07 29.07 9.87
CA ALA B 301 -8.96 27.91 10.74
C ALA B 301 -8.22 28.23 12.02
N LEU B 302 -7.18 29.07 11.91
CA LEU B 302 -6.33 29.42 13.05
C LEU B 302 -7.12 30.21 14.07
N LYS B 303 -7.30 29.62 15.26
CA LYS B 303 -8.13 30.20 16.31
C LYS B 303 -7.68 31.60 16.67
N SER B 304 -6.37 31.78 16.82
CA SER B 304 -5.77 33.04 17.24
C SER B 304 -6.08 34.19 16.27
N TYR B 305 -5.83 33.98 14.98
CA TYR B 305 -6.12 35.00 13.97
C TYR B 305 -7.61 35.13 13.71
N GLU B 306 -8.36 34.08 14.01
CA GLU B 306 -9.80 34.05 13.81
C GLU B 306 -10.53 35.02 14.74
N GLU B 307 -10.14 35.04 16.02
CA GLU B 307 -10.79 35.93 16.99
C GLU B 307 -10.78 37.39 16.52
N GLU B 308 -9.76 37.75 15.72
CA GLU B 308 -9.64 39.09 15.15
C GLU B 308 -10.68 39.39 14.07
N LEU B 309 -10.70 38.55 13.03
CA LEU B 309 -11.67 38.70 11.93
C LEU B 309 -13.11 38.47 12.38
N ALA B 310 -13.26 37.75 13.51
CA ALA B 310 -14.57 37.47 14.11
C ALA B 310 -15.25 38.69 14.75
N LYS B 311 -14.66 39.87 14.54
CA LYS B 311 -15.28 41.12 14.95
C LYS B 311 -15.75 41.87 13.71
N ASP B 312 -15.27 41.42 12.55
CA ASP B 312 -15.66 41.94 11.24
C ASP B 312 -17.10 41.49 10.92
N PRO B 313 -18.02 42.47 10.74
CA PRO B 313 -19.43 42.21 10.40
C PRO B 313 -19.62 41.36 9.16
N ARG B 314 -18.71 41.49 8.20
CA ARG B 314 -18.80 40.75 6.94
C ARG B 314 -18.57 39.25 7.16
N ILE B 315 -17.69 38.93 8.11
CA ILE B 315 -17.45 37.56 8.53
C ILE B 315 -18.68 37.02 9.25
N ALA B 316 -19.18 37.77 10.23
CA ALA B 316 -20.37 37.39 11.01
C ALA B 316 -21.50 36.90 10.10
N ALA B 317 -21.73 37.60 9.00
CA ALA B 317 -22.77 37.27 8.04
C ALA B 317 -22.45 36.02 7.23
N THR B 318 -21.15 35.80 6.97
CA THR B 318 -20.70 34.57 6.32
C THR B 318 -20.90 33.37 7.25
N MET B 319 -20.58 33.57 8.53
CA MET B 319 -20.80 32.56 9.57
C MET B 319 -22.29 32.28 9.79
N GLU B 320 -23.10 33.31 9.76
CA GLU B 320 -24.53 33.14 9.86
C GLU B 320 -25.03 32.31 8.68
N ASN B 321 -24.51 32.58 7.48
CA ASN B 321 -24.88 31.83 6.28
C ASN B 321 -24.31 30.43 6.26
N ALA B 322 -23.18 30.23 6.93
CA ALA B 322 -22.55 28.92 7.06
C ALA B 322 -23.36 28.01 7.97
N GLN B 323 -23.82 28.54 9.11
CA GLN B 323 -24.67 27.77 10.02
C GLN B 323 -25.96 27.31 9.35
N LYS B 324 -26.47 28.09 8.41
CA LYS B 324 -27.75 27.82 7.78
C LYS B 324 -27.59 26.88 6.59
N GLY B 325 -26.35 26.67 6.19
CA GLY B 325 -26.04 25.81 5.05
C GLY B 325 -25.74 24.38 5.46
N GLU B 326 -25.19 23.62 4.52
CA GLU B 326 -24.69 22.27 4.77
C GLU B 326 -23.26 22.15 4.27
N ILE B 327 -22.38 21.60 5.09
CA ILE B 327 -21.00 21.36 4.70
C ILE B 327 -20.89 20.28 3.60
N MET B 328 -20.27 20.66 2.48
CA MET B 328 -20.12 19.77 1.32
C MET B 328 -19.57 18.41 1.67
N PRO B 329 -20.21 17.34 1.17
CA PRO B 329 -19.65 16.01 1.29
C PRO B 329 -18.30 15.99 0.61
N ASN B 330 -17.32 15.32 1.20
CA ASN B 330 -16.03 15.21 0.56
C ASN B 330 -15.82 13.85 -0.08
N ILE B 331 -16.90 13.11 -0.31
CA ILE B 331 -16.83 11.79 -0.94
C ILE B 331 -16.52 11.89 -2.44
N PRO B 332 -15.94 10.82 -3.05
CA PRO B 332 -15.52 10.81 -4.45
C PRO B 332 -16.65 11.07 -5.46
N GLN B 333 -17.85 10.62 -5.12
CA GLN B 333 -19.02 10.77 -5.99
C GLN B 333 -19.46 12.24 -6.18
N MET B 334 -18.73 13.17 -5.57
CA MET B 334 -19.03 14.59 -5.72
C MET B 334 -18.84 15.10 -7.12
N SER B 335 -17.77 14.71 -7.80
CA SER B 335 -17.52 15.29 -9.12
C SER B 335 -18.65 14.95 -10.10
N ALA B 336 -19.24 13.77 -9.94
CA ALA B 336 -20.44 13.41 -10.70
C ALA B 336 -21.61 14.30 -10.29
N PHE B 337 -21.73 14.57 -8.99
CA PHE B 337 -22.77 15.47 -8.49
C PHE B 337 -22.65 16.86 -9.12
N TRP B 338 -21.44 17.41 -9.16
CA TRP B 338 -21.23 18.72 -9.77
C TRP B 338 -21.57 18.72 -11.25
N TYR B 339 -21.03 17.75 -12.00
CA TYR B 339 -21.33 17.66 -13.44
C TYR B 339 -22.84 17.51 -13.68
N ALA B 340 -23.49 16.71 -12.86
CA ALA B 340 -24.93 16.49 -12.95
C ALA B 340 -25.73 17.78 -12.72
N VAL B 341 -25.36 18.52 -11.68
CA VAL B 341 -26.09 19.72 -11.28
C VAL B 341 -25.78 20.90 -12.22
N ARG B 342 -24.57 20.92 -12.78
CA ARG B 342 -24.23 21.95 -13.76
C ARG B 342 -25.09 21.76 -14.99
N THR B 343 -24.97 20.59 -15.62
CA THR B 343 -25.82 20.19 -16.74
C THR B 343 -27.26 20.61 -16.49
N ALA B 344 -27.78 20.19 -15.33
CA ALA B 344 -29.18 20.39 -14.98
C ALA B 344 -29.60 21.87 -14.98
N VAL B 345 -28.83 22.70 -14.26
CA VAL B 345 -29.14 24.12 -14.12
C VAL B 345 -28.98 24.84 -15.44
N ILE B 346 -27.91 24.52 -16.16
CA ILE B 346 -27.68 25.04 -17.50
C ILE B 346 -28.82 24.71 -18.48
N ASN B 347 -29.22 23.45 -18.54
CA ASN B 347 -30.29 23.02 -19.44
C ASN B 347 -31.66 23.58 -19.10
N ALA B 348 -31.93 23.75 -17.81
CA ALA B 348 -33.23 24.27 -17.35
C ALA B 348 -33.37 25.75 -17.68
N ALA B 349 -32.33 26.51 -17.37
CA ALA B 349 -32.30 27.97 -17.56
C ALA B 349 -32.24 28.39 -19.02
N SER B 350 -31.60 27.57 -19.87
CA SER B 350 -31.54 27.86 -21.30
C SER B 350 -32.85 27.49 -21.99
N GLY B 351 -33.42 26.34 -21.62
CA GLY B 351 -34.68 25.88 -22.18
C GLY B 351 -34.57 24.49 -22.79
N ARG B 352 -33.34 23.99 -22.91
CA ARG B 352 -33.08 22.66 -23.43
C ARG B 352 -33.96 21.61 -22.77
N GLN B 353 -34.26 21.83 -21.49
CA GLN B 353 -35.12 20.92 -20.73
C GLN B 353 -36.01 21.64 -19.74
N THR B 354 -37.15 21.03 -19.44
CA THR B 354 -38.03 21.49 -18.39
C THR B 354 -37.42 21.11 -17.06
N VAL B 355 -37.64 21.93 -16.04
CA VAL B 355 -37.07 21.76 -14.70
C VAL B 355 -37.13 20.31 -14.19
N ASP B 356 -38.27 19.66 -14.42
CA ASP B 356 -38.51 18.31 -13.92
C ASP B 356 -37.63 17.29 -14.64
N GLU B 357 -37.54 17.42 -15.97
CA GLU B 357 -36.66 16.57 -16.78
C GLU B 357 -35.18 16.77 -16.43
N ALA B 358 -34.79 18.04 -16.29
CA ALA B 358 -33.41 18.41 -15.97
C ALA B 358 -32.93 17.79 -14.66
N LEU B 359 -33.78 17.84 -13.63
CA LEU B 359 -33.46 17.30 -12.29
C LEU B 359 -33.54 15.78 -12.19
N LYS B 360 -34.51 15.18 -12.88
CA LYS B 360 -34.65 13.72 -12.92
C LYS B 360 -33.45 13.05 -13.59
N ASP B 361 -32.84 13.74 -14.54
CA ASP B 361 -31.62 13.27 -15.18
C ASP B 361 -30.42 13.47 -14.24
N ALA B 362 -30.44 14.60 -13.54
CA ALA B 362 -29.41 14.91 -12.57
C ALA B 362 -29.47 13.91 -11.42
N GLN B 363 -30.69 13.53 -11.03
CA GLN B 363 -30.90 12.49 -10.02
C GLN B 363 -30.17 11.20 -10.40
N THR B 364 -30.37 10.76 -11.66
CA THR B 364 -29.82 9.51 -12.16
C THR B 364 -28.31 9.60 -12.37
N ASN B 365 -27.82 10.73 -12.85
CA ASN B 365 -26.38 10.92 -13.04
C ASN B 365 -25.60 11.00 -11.73
N ALA B 366 -26.04 11.89 -10.84
CA ALA B 366 -25.39 12.09 -9.55
C ALA B 366 -25.38 10.83 -8.68
N ALA B 367 -26.49 10.10 -8.66
CA ALA B 367 -26.65 8.95 -7.78
C ALA B 367 -25.89 7.75 -8.31
N ALA B 368 -25.01 7.21 -7.48
CA ALA B 368 -24.27 6.02 -7.84
C ALA B 368 -24.84 4.87 -7.08
N GLU B 369 -24.94 3.73 -7.74
CA GLU B 369 -25.23 2.49 -7.03
C GLU B 369 -24.04 2.13 -6.14
N PHE B 370 -24.33 1.54 -4.99
CA PHE B 370 -23.33 1.22 -3.97
C PHE B 370 -21.96 0.79 -4.53
N ASP B 371 -20.86 1.22 -3.91
CA ASP B 371 -19.53 0.72 -4.24
C ASP B 371 -19.49 -0.79 -4.00
N ASP B 372 -18.88 -1.54 -4.91
CA ASP B 372 -18.71 -2.97 -4.68
C ASP B 372 -17.45 -3.31 -3.90
N VAL B 373 -16.54 -2.34 -3.79
CA VAL B 373 -15.30 -2.51 -3.05
C VAL B 373 -15.58 -2.66 -1.55
N MET B 374 -14.94 -3.65 -0.93
CA MET B 374 -15.14 -3.87 0.48
C MET B 374 -14.37 -2.88 1.30
N THR B 375 -15.07 -2.19 2.18
CA THR B 375 -14.46 -1.21 3.06
C THR B 375 -14.00 -1.85 4.37
N LYS B 376 -13.07 -1.18 5.07
CA LYS B 376 -12.54 -1.65 6.35
C LYS B 376 -13.64 -1.95 7.35
N GLU B 377 -14.60 -1.04 7.45
CA GLU B 377 -15.78 -1.22 8.29
C GLU B 377 -16.47 -2.56 8.02
N GLU B 378 -16.78 -2.82 6.76
CA GLU B 378 -17.51 -4.03 6.33
C GLU B 378 -16.71 -5.30 6.59
N GLN B 379 -15.39 -5.24 6.35
CA GLN B 379 -14.49 -6.36 6.55
C GLN B 379 -14.44 -6.77 8.01
N ILE B 380 -14.47 -5.77 8.88
CA ILE B 380 -14.48 -5.95 10.33
C ILE B 380 -15.77 -6.60 10.80
N PHE B 381 -16.88 -6.24 10.16
CA PHE B 381 -18.17 -6.87 10.44
C PHE B 381 -18.11 -8.36 10.13
N LEU B 382 -17.52 -8.71 9.00
CA LEU B 382 -17.32 -10.12 8.64
C LEU B 382 -16.40 -10.84 9.61
N LEU B 383 -15.42 -10.11 10.14
CA LEU B 383 -14.52 -10.62 11.15
C LEU B 383 -15.21 -10.84 12.50
N HIS B 384 -16.15 -9.97 12.85
CA HIS B 384 -16.89 -10.13 14.08
C HIS B 384 -17.88 -11.25 13.98
N ARG B 385 -18.47 -11.38 12.80
CA ARG B 385 -19.39 -12.49 12.53
C ARG B 385 -18.66 -13.83 12.46
N ALA B 386 -17.34 -13.81 12.25
CA ALA B 386 -16.55 -15.04 12.25
C ALA B 386 -16.04 -15.38 13.65
N GLN B 387 -15.74 -14.33 14.42
CA GLN B 387 -15.40 -14.47 15.82
C GLN B 387 -16.56 -15.10 16.54
N ALA B 388 -17.76 -14.56 16.29
CA ALA B 388 -19.00 -15.09 16.83
C ALA B 388 -19.13 -16.59 16.58
N GLN B 389 -18.94 -16.99 15.33
CA GLN B 389 -19.04 -18.39 14.96
C GLN B 389 -17.97 -19.23 15.65
N CYS B 390 -16.92 -18.59 16.13
CA CYS B 390 -15.88 -19.27 16.88
C CYS B 390 -16.26 -19.47 18.35
N GLU B 391 -16.79 -18.42 18.99
CA GLU B 391 -17.37 -18.58 20.33
C GLU B 391 -18.32 -19.77 20.25
N LYS B 392 -19.15 -19.78 19.21
CA LYS B 392 -20.16 -20.83 19.04
C LYS B 392 -19.57 -22.24 18.96
N ARG B 393 -18.55 -22.46 18.13
CA ARG B 393 -17.98 -23.80 18.01
C ARG B 393 -17.20 -24.23 19.25
N LEU B 394 -16.62 -23.28 19.96
CA LEU B 394 -15.91 -23.59 21.21
C LEU B 394 -16.91 -23.96 22.29
N LYS B 395 -18.02 -23.22 22.36
CA LYS B 395 -19.10 -23.50 23.30
C LYS B 395 -19.78 -24.83 23.02
N GLU B 396 -19.75 -25.25 21.76
CA GLU B 396 -20.40 -26.49 21.36
C GLU B 396 -19.49 -27.71 21.42
N VAL B 397 -18.19 -27.50 21.32
CA VAL B 397 -17.21 -28.57 21.58
C VAL B 397 -17.16 -28.86 23.08
N LEU B 398 -17.16 -27.78 23.88
CA LEU B 398 -17.06 -27.90 25.33
C LEU B 398 -18.35 -28.39 25.98
N GLN B 399 -19.46 -28.30 25.26
CA GLN B 399 -20.77 -28.74 25.76
C GLN B 399 -20.78 -30.26 26.00
N ARG B 400 -19.88 -30.98 25.32
CA ARG B 400 -19.65 -32.41 25.56
C ARG B 400 -18.25 -32.68 26.11
N ARG B 448 -5.14 -35.41 25.07
CA ARG B 448 -6.01 -34.26 24.85
C ARG B 448 -5.67 -33.51 23.56
N PRO B 449 -6.70 -33.05 22.84
CA PRO B 449 -6.54 -32.16 21.68
C PRO B 449 -6.40 -30.69 22.08
N CYS B 450 -5.78 -29.89 21.22
CA CYS B 450 -5.71 -28.45 21.42
C CYS B 450 -7.07 -27.85 21.10
N LEU B 451 -7.54 -26.94 21.96
CA LEU B 451 -8.89 -26.42 21.85
C LEU B 451 -9.06 -25.38 20.76
N PRO B 452 -10.20 -25.43 20.04
CA PRO B 452 -10.56 -24.39 19.07
C PRO B 452 -10.41 -23.01 19.69
N GLU B 453 -9.67 -22.13 19.02
CA GLU B 453 -9.58 -20.75 19.47
C GLU B 453 -9.53 -19.75 18.33
N TRP B 454 -9.77 -18.50 18.70
CA TRP B 454 -9.90 -17.41 17.76
C TRP B 454 -8.69 -16.49 17.93
N ASP B 455 -7.96 -16.24 16.85
CA ASP B 455 -6.78 -15.42 16.96
C ASP B 455 -6.88 -14.08 16.26
N HIS B 456 -8.09 -13.54 16.18
CA HIS B 456 -8.39 -12.23 15.57
C HIS B 456 -8.56 -12.27 14.07
N ILE B 457 -8.21 -13.40 13.45
CA ILE B 457 -8.40 -13.63 12.01
C ILE B 457 -9.09 -14.96 11.67
N LEU B 458 -8.55 -16.07 12.17
CA LEU B 458 -9.09 -17.39 11.90
C LEU B 458 -9.67 -17.96 13.14
N CYS B 459 -10.37 -19.08 12.97
CA CYS B 459 -10.85 -19.84 14.09
C CYS B 459 -10.38 -21.29 13.97
N TRP B 460 -9.37 -21.62 14.76
CA TRP B 460 -8.67 -22.91 14.66
C TRP B 460 -9.47 -24.06 15.23
N PRO B 461 -9.57 -25.17 14.48
CA PRO B 461 -10.37 -26.28 14.98
C PRO B 461 -9.58 -27.13 15.98
N LEU B 462 -10.26 -28.10 16.60
CA LEU B 462 -9.62 -29.07 17.47
C LEU B 462 -8.33 -29.57 16.84
N GLY B 463 -7.22 -29.46 17.55
CA GLY B 463 -5.93 -29.91 17.03
C GLY B 463 -5.61 -31.33 17.46
N ALA B 464 -5.06 -32.11 16.55
CA ALA B 464 -4.56 -33.43 16.91
C ALA B 464 -3.21 -33.25 17.62
N PRO B 465 -3.07 -33.79 18.85
CA PRO B 465 -1.85 -33.61 19.64
C PRO B 465 -0.60 -34.10 18.88
N GLY B 466 0.43 -33.26 18.89
CA GLY B 466 1.70 -33.53 18.21
C GLY B 466 1.72 -33.11 16.75
N GLU B 467 0.56 -32.78 16.21
CA GLU B 467 0.44 -32.55 14.78
C GLU B 467 0.53 -31.09 14.39
N VAL B 468 0.94 -30.85 13.14
CA VAL B 468 0.78 -29.56 12.51
C VAL B 468 -0.68 -29.50 12.05
N VAL B 469 -1.37 -28.43 12.41
CA VAL B 469 -2.74 -28.21 11.98
C VAL B 469 -2.73 -27.22 10.81
N ALA B 470 -3.20 -27.69 9.66
CA ALA B 470 -3.42 -26.83 8.51
C ALA B 470 -4.88 -26.39 8.51
N VAL B 471 -5.09 -25.10 8.30
CA VAL B 471 -6.44 -24.55 8.21
C VAL B 471 -6.54 -23.64 7.00
N PRO B 472 -7.57 -23.85 6.16
CA PRO B 472 -7.65 -23.13 4.91
C PRO B 472 -7.83 -21.63 5.14
N CYS B 473 -6.94 -20.82 4.56
CA CYS B 473 -7.04 -19.36 4.66
C CYS B 473 -8.50 -18.96 4.47
N PRO B 474 -9.03 -18.15 5.39
CA PRO B 474 -10.47 -17.90 5.49
C PRO B 474 -11.02 -17.14 4.30
N ASP B 475 -12.12 -17.60 3.73
CA ASP B 475 -12.71 -16.93 2.57
C ASP B 475 -13.20 -15.50 2.87
N TYR B 476 -13.57 -15.22 4.11
CA TYR B 476 -14.08 -13.90 4.51
C TYR B 476 -13.04 -12.80 4.57
N ILE B 477 -11.76 -13.14 4.56
CA ILE B 477 -10.74 -12.11 4.55
C ILE B 477 -10.52 -11.74 3.11
N TYR B 478 -11.09 -10.61 2.71
CA TYR B 478 -11.10 -10.17 1.33
C TYR B 478 -9.72 -10.21 0.69
N ASP B 479 -8.73 -9.73 1.42
CA ASP B 479 -7.37 -9.59 0.90
C ASP B 479 -6.47 -10.85 0.86
N PHE B 480 -6.87 -11.92 1.52
CA PHE B 480 -6.04 -13.13 1.57
C PHE B 480 -6.06 -13.94 0.27
N ASN B 481 -5.24 -14.98 0.21
CA ASN B 481 -5.34 -15.97 -0.85
C ASN B 481 -6.09 -17.13 -0.26
N HIS B 482 -7.34 -17.30 -0.67
CA HIS B 482 -8.24 -18.23 0.00
C HIS B 482 -7.99 -19.68 -0.35
N LYS B 483 -6.98 -19.90 -1.17
CA LYS B 483 -6.59 -21.24 -1.57
C LYS B 483 -5.49 -21.76 -0.67
N GLY B 484 -4.74 -20.83 -0.07
CA GLY B 484 -3.65 -21.20 0.82
C GLY B 484 -4.10 -21.84 2.12
N HIS B 485 -3.13 -22.17 2.98
CA HIS B 485 -3.38 -22.68 4.32
C HIS B 485 -2.57 -21.93 5.37
N ALA B 486 -3.17 -21.77 6.53
CA ALA B 486 -2.47 -21.25 7.70
C ALA B 486 -2.15 -22.42 8.63
N TYR B 487 -1.03 -22.30 9.37
CA TYR B 487 -0.52 -23.42 10.12
C TYR B 487 -0.28 -23.13 11.60
N ARG B 488 -0.61 -24.10 12.47
CA ARG B 488 -0.19 -24.13 13.89
C ARG B 488 0.30 -25.50 14.29
N ARG B 489 1.27 -25.56 15.20
CA ARG B 489 1.69 -26.83 15.82
C ARG B 489 0.92 -27.01 17.12
N CYS B 490 0.18 -28.11 17.21
CA CYS B 490 -0.46 -28.48 18.46
C CYS B 490 0.47 -29.47 19.18
N ASP B 491 0.98 -29.06 20.34
CA ASP B 491 2.03 -29.84 21.04
C ASP B 491 1.48 -31.11 21.70
N ARG B 492 2.40 -31.99 22.12
CA ARG B 492 2.08 -33.29 22.71
C ARG B 492 1.01 -33.24 23.81
N ASN B 493 0.95 -32.14 24.55
CA ASN B 493 0.09 -32.05 25.73
C ASN B 493 -1.22 -31.30 25.52
N GLY B 494 -1.47 -30.90 24.29
CA GLY B 494 -2.72 -30.26 23.93
C GLY B 494 -2.73 -28.75 24.11
N SER B 495 -1.56 -28.13 24.11
CA SER B 495 -1.48 -26.67 24.05
C SER B 495 -0.90 -26.28 22.71
N TRP B 496 -1.41 -25.17 22.17
CA TRP B 496 -0.87 -24.68 20.91
C TRP B 496 0.55 -24.19 21.12
N GLU B 497 1.46 -24.69 20.29
CA GLU B 497 2.88 -24.32 20.33
C GLU B 497 3.03 -22.81 20.35
N LEU B 498 4.05 -22.33 21.06
CA LEU B 498 4.25 -20.90 21.24
C LEU B 498 5.44 -20.39 20.45
N VAL B 499 5.34 -19.14 19.99
CA VAL B 499 6.46 -18.41 19.40
C VAL B 499 7.66 -18.51 20.37
N PRO B 500 8.83 -18.95 19.86
CA PRO B 500 9.93 -19.33 20.75
C PRO B 500 10.29 -18.22 21.74
N GLY B 501 10.26 -18.58 23.03
CA GLY B 501 10.61 -17.66 24.11
C GLY B 501 9.64 -16.51 24.34
N HIS B 502 8.50 -16.52 23.66
CA HIS B 502 7.46 -15.51 23.89
C HIS B 502 6.14 -16.14 24.29
N ASN B 503 5.20 -15.30 24.72
CA ASN B 503 3.87 -15.75 25.03
C ASN B 503 2.89 -15.26 23.98
N ARG B 504 3.06 -15.80 22.77
CA ARG B 504 2.12 -15.64 21.66
C ARG B 504 1.97 -17.01 21.02
N THR B 505 0.78 -17.29 20.50
CA THR B 505 0.57 -18.54 19.81
C THR B 505 1.23 -18.50 18.43
N TRP B 506 2.12 -19.46 18.19
CA TRP B 506 2.76 -19.59 16.89
C TRP B 506 1.74 -19.98 15.83
N ALA B 507 1.76 -19.22 14.74
CA ALA B 507 0.99 -19.50 13.55
C ALA B 507 1.74 -18.93 12.35
N ASN B 508 1.77 -19.70 11.26
CA ASN B 508 2.35 -19.26 10.00
C ASN B 508 1.22 -19.00 8.98
N TYR B 509 1.15 -17.76 8.51
CA TYR B 509 0.08 -17.31 7.60
C TYR B 509 0.61 -16.91 6.22
N SER B 510 1.81 -17.37 5.87
CA SER B 510 2.52 -16.88 4.68
C SER B 510 1.92 -17.34 3.35
N GLU B 511 1.18 -18.44 3.39
CA GLU B 511 0.39 -18.82 2.24
C GLU B 511 -0.81 -17.90 2.05
N CYS B 512 -1.37 -17.41 3.16
CA CYS B 512 -2.55 -16.55 3.13
C CYS B 512 -2.25 -15.13 2.70
N VAL B 513 -1.31 -14.50 3.40
CA VAL B 513 -0.95 -13.10 3.15
C VAL B 513 -0.43 -12.86 1.74
N LYS B 514 -0.93 -11.81 1.10
CA LYS B 514 -0.45 -11.42 -0.21
C LYS B 514 -0.16 -9.92 -0.27
N PHE B 515 0.38 -9.39 0.81
CA PHE B 515 0.55 -7.95 0.96
C PHE B 515 1.36 -7.35 -0.16
N LEU B 516 2.45 -8.00 -0.53
CA LEU B 516 3.30 -7.49 -1.61
C LEU B 516 2.61 -7.60 -2.98
N THR B 517 2.00 -8.75 -3.25
CA THR B 517 1.34 -8.96 -4.53
C THR B 517 0.26 -7.91 -4.75
N ASN B 518 -0.58 -7.73 -3.74
CA ASN B 518 -1.64 -6.74 -3.82
C ASN B 518 -1.10 -5.37 -4.13
N GLU B 519 0.07 -5.05 -3.59
CA GLU B 519 0.72 -3.78 -3.88
C GLU B 519 1.21 -3.71 -5.34
N THR B 520 1.95 -4.75 -5.74
CA THR B 520 2.57 -4.80 -7.05
C THR B 520 1.51 -4.66 -8.13
N ARG B 521 0.37 -5.32 -7.92
CA ARG B 521 -0.74 -5.27 -8.86
C ARG B 521 -1.41 -3.90 -8.87
N GLU B 522 -1.77 -3.41 -7.70
CA GLU B 522 -2.47 -2.14 -7.61
C GLU B 522 -1.61 -1.03 -8.14
N ARG B 523 -0.31 -1.10 -7.85
CA ARG B 523 0.66 -0.12 -8.37
C ARG B 523 0.66 -0.07 -9.88
N GLU B 524 0.52 -1.23 -10.52
CA GLU B 524 0.46 -1.34 -11.97
C GLU B 524 -0.70 -0.56 -12.56
N VAL B 525 -1.85 -0.61 -11.88
CA VAL B 525 -3.05 0.11 -12.29
C VAL B 525 -2.86 1.63 -12.12
N PHE B 526 -2.20 2.01 -11.03
CA PHE B 526 -1.89 3.42 -10.79
C PHE B 526 -0.94 3.99 -11.86
N ASP B 527 0.12 3.27 -12.19
CA ASP B 527 1.10 3.72 -13.19
C ASP B 527 0.38 3.84 -14.53
N ARG B 528 -0.54 2.92 -14.75
CA ARG B 528 -1.31 2.85 -15.96
C ARG B 528 -2.28 4.01 -16.08
N LEU B 529 -2.83 4.43 -14.95
CA LEU B 529 -3.73 5.57 -14.92
C LEU B 529 -3.02 6.89 -15.07
N HIS B 530 -1.69 6.89 -15.01
CA HIS B 530 -0.98 8.17 -14.84
C HIS B 530 0.18 8.42 -15.79
N HIS B 531 0.62 7.39 -16.49
CA HIS B 531 1.71 7.56 -17.44
C HIS B 531 1.41 6.85 -18.76
#